data_6JBH
#
_entry.id   6JBH
#
_cell.length_a   1
_cell.length_b   1
_cell.length_c   1
_cell.angle_alpha   90.00
_cell.angle_beta   90.00
_cell.angle_gamma   90.00
#
_symmetry.space_group_name_H-M   'P 1'
#
loop_
_entity.id
_entity.type
_entity.pdbx_description
1 polymer TarH
2 polymer TarG
#
loop_
_entity_poly.entity_id
_entity_poly.type
_entity_poly.pdbx_seq_one_letter_code
_entity_poly.pdbx_strand_id
1 'polypeptide(L)'
;MEHAVIVENVTKKYKLFKRTSERLLDMILPGGYGEDFYALRNVSFTADKGDVIGIVGVNGSGKSTLSNIIAGILPPTSGT
IKIDGQASLIAISSGLNNQLTGRENIELKCLMLGFSKKQIRAMEPDIIEFADIGKFIDQPVKTYSSGMKSRLGFAISVNI
DPDVLVIDEALSVGDQTFADKCLDKMNEFKERGKTIFFISHSIGQVKSFCEKALWLEYGEVRGYGTVAEIIPQYEKFLKE
YRAMSDKEKRQYKERVMRKQQGEFLQAAVK
;
A,B
2 'polypeptide(L)'
;MGHHHHHHHHHHMRSAVTVLMEHIRNLYLIRRLSLFELKSDNSNQYLGILWEIINPMIQIAIYWFVFGYGIRGRHPVGHI
PFILWMLAGMTVWFFVNQAVLQASKSVYTRIRMVAQMNFPISVIPTYVITAKFYQHLMLLAVIFIIFQFTPYHVSVYLVQ
LPYYMFGLLALLVSFSLITSTLATVVRDVQMIVQSLVRILLYLTPLLWDPSHLPHLVQVIMRLNPLYYIVEGYRSALLGT
SWYLVDHASYTVYFWVVVILFFVFGSMVHLKFRAHFVDYM
;
C,D
#
# COMPACT_ATOMS: atom_id res chain seq x y z
N GLU A 2 -26.74 -30.46 8.41
CA GLU A 2 -27.83 -30.83 9.30
C GLU A 2 -27.70 -30.01 10.58
N HIS A 3 -28.76 -29.24 10.88
CA HIS A 3 -28.92 -28.29 11.99
C HIS A 3 -28.08 -27.02 11.81
N ALA A 4 -27.33 -26.97 10.71
CA ALA A 4 -26.79 -25.80 9.99
C ALA A 4 -25.60 -25.15 10.72
N VAL A 5 -25.34 -25.46 11.98
CA VAL A 5 -24.04 -25.23 12.63
C VAL A 5 -23.84 -26.34 13.65
N ILE A 6 -22.57 -26.66 13.91
CA ILE A 6 -22.20 -27.61 14.98
C ILE A 6 -21.29 -26.83 15.91
N VAL A 7 -21.60 -25.54 16.11
CA VAL A 7 -20.81 -24.65 16.97
C VAL A 7 -20.81 -25.19 18.40
N GLU A 8 -19.62 -25.45 18.92
CA GLU A 8 -19.47 -26.04 20.25
C GLU A 8 -18.19 -25.57 20.93
N ASN A 9 -18.37 -24.86 22.06
CA ASN A 9 -17.32 -24.52 23.02
C ASN A 9 -16.18 -23.73 22.38
N VAL A 10 -16.54 -22.71 21.60
CA VAL A 10 -15.55 -22.02 20.78
C VAL A 10 -14.83 -20.99 21.62
N THR A 11 -13.50 -21.04 21.59
CA THR A 11 -12.65 -20.03 22.20
C THR A 11 -11.67 -19.51 21.17
N LYS A 12 -11.33 -18.23 21.27
CA LYS A 12 -10.32 -17.65 20.40
C LYS A 12 -9.55 -16.60 21.17
N LYS A 13 -8.22 -16.62 20.99
CA LYS A 13 -7.32 -15.70 21.69
C LYS A 13 -6.21 -15.25 20.77
N TYR A 14 -6.12 -13.95 20.53
CA TYR A 14 -4.91 -13.33 20.01
C TYR A 14 -4.37 -12.45 21.12
N LYS A 15 -3.14 -12.73 21.56
CA LYS A 15 -2.68 -12.30 22.87
C LYS A 15 -1.91 -10.98 22.81
N LEU A 16 -1.74 -10.40 24.00
CA LEU A 16 -1.28 -9.03 24.14
C LEU A 16 0.24 -8.98 24.14
N PHE A 17 0.79 -8.03 23.39
CA PHE A 17 2.23 -7.76 23.34
C PHE A 17 2.44 -6.29 23.71
N LYS A 18 2.94 -6.05 24.92
CA LYS A 18 3.06 -4.68 25.43
C LYS A 18 4.17 -3.93 24.73
N ARG A 19 5.16 -4.63 24.19
CA ARG A 19 6.28 -4.06 23.47
C ARG A 19 6.23 -4.56 22.02
N THR A 20 7.34 -4.38 21.32
CA THR A 20 7.49 -4.76 19.92
C THR A 20 7.31 -6.27 19.72
N SER A 21 7.32 -6.66 18.44
CA SER A 21 6.83 -7.97 18.01
C SER A 21 7.74 -9.11 18.47
N GLU A 22 7.38 -10.33 18.06
CA GLU A 22 7.80 -11.59 18.68
C GLU A 22 9.32 -11.77 18.61
N ARG A 23 9.80 -12.65 19.49
CA ARG A 23 11.21 -12.72 19.91
C ARG A 23 11.72 -11.36 20.38
N LEU A 24 10.84 -10.65 21.10
CA LEU A 24 11.20 -9.39 21.73
C LEU A 24 12.17 -9.60 22.88
N LEU A 25 12.13 -10.77 23.52
CA LEU A 25 13.04 -11.11 24.60
C LEU A 25 13.48 -12.57 24.55
N ASP A 26 13.20 -13.28 23.47
CA ASP A 26 13.22 -14.73 23.48
C ASP A 26 14.60 -15.29 23.12
N MET A 27 14.75 -16.59 23.37
CA MET A 27 15.96 -17.37 23.15
C MET A 27 15.59 -18.47 22.15
N ILE A 28 16.46 -19.47 21.99
CA ILE A 28 16.23 -20.62 21.10
C ILE A 28 14.94 -21.37 21.48
N LEU A 29 14.53 -21.33 22.75
CA LEU A 29 13.22 -21.83 23.13
C LEU A 29 12.14 -20.91 22.55
N PRO A 30 11.18 -21.45 21.80
CA PRO A 30 10.21 -20.59 21.07
C PRO A 30 9.19 -19.90 21.95
N GLY A 31 9.18 -20.12 23.26
CA GLY A 31 8.20 -19.49 24.13
C GLY A 31 8.47 -18.00 24.31
N GLY A 32 7.39 -17.22 24.31
CA GLY A 32 7.46 -15.80 24.53
C GLY A 32 6.82 -15.39 25.85
N TYR A 33 7.05 -14.13 26.21
CA TYR A 33 6.54 -13.55 27.46
C TYR A 33 5.58 -12.41 27.09
N GLY A 34 4.30 -12.76 26.91
CA GLY A 34 3.28 -11.79 26.61
C GLY A 34 2.03 -12.08 27.44
N GLU A 35 1.21 -11.05 27.59
CA GLU A 35 0.04 -11.13 28.45
C GLU A 35 -1.09 -11.78 27.69
N ASP A 36 -1.85 -12.63 28.39
CA ASP A 36 -2.92 -13.39 27.76
C ASP A 36 -4.16 -12.52 27.57
N PHE A 37 -4.90 -12.78 26.49
CA PHE A 37 -6.17 -12.10 26.25
C PHE A 37 -7.08 -12.97 25.40
N TYR A 38 -8.21 -13.38 25.98
CA TYR A 38 -9.21 -14.10 25.22
C TYR A 38 -10.11 -13.13 24.47
N ALA A 39 -10.82 -13.64 23.48
CA ALA A 39 -11.79 -12.85 22.74
C ALA A 39 -13.11 -13.59 22.62
N LEU A 40 -13.05 -14.91 22.63
CA LEU A 40 -14.24 -15.75 22.68
C LEU A 40 -14.03 -16.84 23.72
N ARG A 41 -15.11 -17.22 24.40
CA ARG A 41 -15.03 -18.17 25.50
C ARG A 41 -16.26 -19.06 25.47
N ASN A 42 -16.08 -20.30 25.02
CA ASN A 42 -17.02 -21.41 25.24
C ASN A 42 -18.39 -21.15 24.63
N VAL A 43 -18.40 -20.94 23.32
CA VAL A 43 -19.61 -20.60 22.60
C VAL A 43 -20.15 -21.86 21.93
N SER A 44 -21.43 -22.13 22.14
CA SER A 44 -22.06 -23.34 21.63
C SER A 44 -23.51 -23.01 21.31
N PHE A 45 -23.91 -23.12 20.04
CA PHE A 45 -25.30 -22.91 19.68
C PHE A 45 -25.62 -23.71 18.43
N THR A 46 -26.90 -23.71 18.07
CA THR A 46 -27.43 -24.48 16.96
C THR A 46 -28.30 -23.55 16.12
N ALA A 47 -28.38 -23.83 14.82
CA ALA A 47 -29.12 -22.96 13.90
C ALA A 47 -30.26 -23.64 13.17
N ASP A 48 -30.40 -24.97 13.30
CA ASP A 48 -31.53 -25.85 12.90
C ASP A 48 -32.23 -25.47 11.60
N LYS A 49 -31.40 -25.08 10.61
CA LYS A 49 -31.68 -24.65 9.24
C LYS A 49 -32.28 -23.23 9.19
N GLY A 50 -32.76 -22.74 10.33
CA GLY A 50 -33.16 -21.37 10.61
C GLY A 50 -33.94 -20.61 9.56
N ASP A 51 -33.89 -19.29 9.64
CA ASP A 51 -33.95 -18.45 8.45
C ASP A 51 -32.87 -17.39 8.52
N VAL A 52 -32.69 -16.80 9.70
CA VAL A 52 -31.89 -15.60 9.85
C VAL A 52 -31.61 -15.38 11.33
N ILE A 53 -30.39 -14.98 11.65
CA ILE A 53 -29.97 -14.72 13.03
C ILE A 53 -29.30 -13.35 13.08
N GLY A 54 -29.85 -12.47 13.90
CA GLY A 54 -29.17 -11.22 14.17
C GLY A 54 -28.12 -11.36 15.26
N ILE A 55 -27.15 -10.47 15.23
CA ILE A 55 -26.08 -10.41 16.24
C ILE A 55 -25.92 -8.96 16.65
N VAL A 56 -26.09 -8.67 17.94
CA VAL A 56 -26.02 -7.31 18.46
C VAL A 56 -25.06 -7.28 19.64
N GLY A 57 -24.99 -6.11 20.28
CA GLY A 57 -24.22 -5.96 21.50
C GLY A 57 -23.43 -4.67 21.55
N VAL A 58 -22.18 -4.77 21.98
CA VAL A 58 -21.25 -3.64 21.99
C VAL A 58 -19.99 -4.10 21.25
N ASN A 59 -19.45 -3.25 20.38
CA ASN A 59 -18.32 -3.63 19.52
C ASN A 59 -16.99 -3.66 20.26
N GLY A 60 -17.00 -3.55 21.59
CA GLY A 60 -15.88 -4.00 22.37
C GLY A 60 -15.67 -5.50 22.26
N SER A 61 -16.74 -6.25 21.97
CA SER A 61 -16.65 -7.68 21.72
C SER A 61 -16.35 -8.01 20.27
N GLY A 62 -15.93 -7.02 19.47
CA GLY A 62 -15.44 -7.26 18.13
C GLY A 62 -16.49 -7.64 17.10
N LYS A 63 -17.19 -8.75 17.36
CA LYS A 63 -18.41 -9.24 16.71
C LYS A 63 -18.19 -9.73 15.29
N SER A 64 -17.06 -9.39 14.69
CA SER A 64 -16.70 -9.89 13.39
C SER A 64 -15.88 -11.14 13.51
N THR A 65 -15.27 -11.35 14.68
CA THR A 65 -14.58 -12.59 14.97
C THR A 65 -15.52 -13.77 14.89
N LEU A 66 -16.67 -13.67 15.55
CA LEU A 66 -17.63 -14.77 15.54
C LEU A 66 -18.23 -14.98 14.15
N SER A 67 -18.28 -13.92 13.34
CA SER A 67 -18.78 -14.05 11.98
C SER A 67 -17.85 -14.89 11.12
N ASN A 68 -16.60 -14.43 10.97
CA ASN A 68 -15.74 -15.07 10.00
C ASN A 68 -15.13 -16.37 10.49
N ILE A 69 -15.31 -16.72 11.77
CA ILE A 69 -15.17 -18.12 12.17
C ILE A 69 -16.15 -18.99 11.40
N ILE A 70 -17.41 -18.56 11.35
CA ILE A 70 -18.45 -19.31 10.66
C ILE A 70 -18.23 -19.26 9.16
N ALA A 71 -17.61 -18.19 8.66
CA ALA A 71 -17.18 -18.17 7.28
C ALA A 71 -15.99 -19.07 7.00
N GLY A 72 -15.36 -19.62 8.04
CA GLY A 72 -14.30 -20.58 7.85
C GLY A 72 -13.02 -19.96 7.35
N ILE A 73 -12.60 -18.85 7.93
CA ILE A 73 -11.41 -18.18 7.43
C ILE A 73 -10.51 -17.84 8.61
N LEU A 74 -11.02 -17.97 9.82
CA LEU A 74 -10.11 -17.97 10.94
C LEU A 74 -10.15 -19.33 11.63
N PRO A 75 -9.02 -19.81 12.11
CA PRO A 75 -9.03 -21.06 12.87
C PRO A 75 -9.34 -20.80 14.33
N PRO A 76 -10.31 -21.51 14.89
CA PRO A 76 -10.56 -21.40 16.32
C PRO A 76 -9.47 -22.11 17.10
N THR A 77 -9.19 -21.59 18.29
CA THR A 77 -8.16 -22.22 19.13
C THR A 77 -8.64 -23.54 19.68
N SER A 78 -9.89 -23.61 20.10
CA SER A 78 -10.43 -24.83 20.67
C SER A 78 -11.92 -24.92 20.37
N GLY A 79 -12.33 -26.03 19.80
CA GLY A 79 -13.71 -26.19 19.40
C GLY A 79 -13.81 -26.59 17.95
N THR A 80 -14.92 -27.21 17.57
CA THR A 80 -15.14 -27.65 16.20
C THR A 80 -16.40 -27.03 15.66
N ILE A 81 -16.38 -26.68 14.38
CA ILE A 81 -17.53 -26.11 13.69
C ILE A 81 -17.65 -26.83 12.35
N LYS A 82 -18.85 -27.29 12.03
CA LYS A 82 -19.11 -28.04 10.80
C LYS A 82 -20.37 -27.49 10.16
N ILE A 83 -20.29 -27.01 8.91
CA ILE A 83 -21.51 -26.49 8.33
C ILE A 83 -21.88 -27.18 7.02
N ASP A 84 -21.21 -26.78 5.94
CA ASP A 84 -21.66 -26.92 4.55
C ASP A 84 -20.64 -26.28 3.60
N GLY A 85 -21.04 -26.11 2.34
CA GLY A 85 -20.35 -25.19 1.44
C GLY A 85 -20.77 -23.75 1.66
N GLN A 86 -20.21 -23.13 2.70
CA GLN A 86 -20.65 -21.83 3.18
C GLN A 86 -20.17 -20.71 2.27
N ALA A 87 -20.53 -19.48 2.63
CA ALA A 87 -20.09 -18.29 1.90
C ALA A 87 -18.81 -17.72 2.49
N SER A 88 -17.95 -17.23 1.60
CA SER A 88 -17.19 -16.04 1.91
C SER A 88 -18.20 -14.93 2.11
N LEU A 89 -18.12 -14.22 3.24
CA LEU A 89 -19.26 -13.55 3.84
C LEU A 89 -19.97 -12.52 2.95
N ILE A 90 -19.37 -11.35 2.72
CA ILE A 90 -19.80 -10.34 1.74
C ILE A 90 -18.54 -9.59 1.34
N ALA A 91 -18.24 -9.54 0.06
CA ALA A 91 -17.05 -8.83 -0.41
C ALA A 91 -17.38 -7.39 -0.78
N ILE A 92 -18.03 -6.66 0.11
CA ILE A 92 -18.35 -5.26 -0.15
C ILE A 92 -17.09 -4.42 0.05
N SER A 93 -16.82 -3.54 -0.92
CA SER A 93 -15.74 -2.54 -0.90
C SER A 93 -14.36 -3.15 -0.71
N SER A 94 -14.18 -4.42 -1.07
CA SER A 94 -12.92 -5.11 -0.85
C SER A 94 -12.61 -5.93 -2.08
N GLY A 95 -11.34 -6.00 -2.43
CA GLY A 95 -10.92 -6.71 -3.62
C GLY A 95 -10.99 -5.90 -4.89
N LEU A 96 -11.49 -4.67 -4.84
CA LEU A 96 -11.56 -3.80 -6.00
C LEU A 96 -10.23 -3.08 -6.14
N ASN A 97 -9.49 -3.40 -7.20
CA ASN A 97 -8.25 -2.70 -7.47
C ASN A 97 -8.57 -1.31 -8.00
N ASN A 98 -7.91 -0.29 -7.46
CA ASN A 98 -8.22 1.06 -7.88
C ASN A 98 -7.34 1.51 -9.04
N GLN A 99 -7.18 0.65 -10.05
CA GLN A 99 -6.48 1.03 -11.26
C GLN A 99 -7.17 0.52 -12.51
N LEU A 100 -8.26 -0.21 -12.38
CA LEU A 100 -8.89 -0.91 -13.48
C LEU A 100 -10.33 -0.44 -13.63
N THR A 101 -10.86 -0.58 -14.83
CA THR A 101 -12.17 -0.02 -15.13
C THR A 101 -13.28 -0.92 -14.60
N GLY A 102 -14.52 -0.50 -14.85
CA GLY A 102 -15.66 -1.25 -14.36
C GLY A 102 -15.87 -2.55 -15.10
N ARG A 103 -15.54 -2.61 -16.39
CA ARG A 103 -15.54 -3.88 -17.10
C ARG A 103 -14.47 -4.81 -16.54
N GLU A 104 -13.35 -4.24 -16.07
CA GLU A 104 -12.25 -5.06 -15.60
C GLU A 104 -12.54 -5.64 -14.24
N ASN A 105 -12.96 -4.81 -13.29
CA ASN A 105 -13.11 -5.25 -11.91
C ASN A 105 -14.30 -6.17 -11.71
N ILE A 106 -15.24 -6.21 -12.65
CA ILE A 106 -16.20 -7.30 -12.65
C ILE A 106 -15.50 -8.62 -12.95
N GLU A 107 -14.59 -8.61 -13.92
CA GLU A 107 -13.83 -9.83 -14.21
C GLU A 107 -12.85 -10.17 -13.10
N LEU A 108 -12.45 -9.22 -12.26
CA LEU A 108 -11.71 -9.57 -11.07
C LEU A 108 -12.57 -10.40 -10.16
N LYS A 109 -13.57 -9.75 -9.57
CA LYS A 109 -14.23 -10.29 -8.40
C LYS A 109 -15.10 -11.49 -8.72
N CYS A 110 -15.65 -11.53 -9.93
CA CYS A 110 -16.44 -12.71 -10.32
C CYS A 110 -15.52 -13.91 -10.56
N LEU A 111 -14.26 -13.66 -10.90
CA LEU A 111 -13.29 -14.74 -10.97
C LEU A 111 -12.72 -15.08 -9.61
N MET A 112 -12.62 -14.08 -8.72
CA MET A 112 -12.14 -14.33 -7.38
C MET A 112 -13.12 -15.18 -6.59
N LEU A 113 -14.41 -14.97 -6.82
CA LEU A 113 -15.43 -15.81 -6.20
C LEU A 113 -15.55 -17.15 -6.88
N GLY A 114 -15.18 -17.24 -8.16
CA GLY A 114 -15.11 -18.51 -8.85
C GLY A 114 -16.32 -18.78 -9.72
N PHE A 115 -16.18 -18.48 -11.00
CA PHE A 115 -17.22 -18.72 -12.00
C PHE A 115 -16.54 -18.94 -13.33
N SER A 116 -17.14 -19.77 -14.18
CA SER A 116 -16.49 -20.12 -15.43
C SER A 116 -16.58 -18.96 -16.42
N LYS A 117 -15.83 -19.10 -17.53
CA LYS A 117 -15.69 -17.99 -18.47
C LYS A 117 -16.99 -17.73 -19.24
N LYS A 118 -17.84 -18.74 -19.37
CA LYS A 118 -19.15 -18.51 -19.97
C LYS A 118 -20.15 -17.97 -18.97
N GLN A 119 -19.94 -18.20 -17.68
CA GLN A 119 -20.84 -17.66 -16.68
C GLN A 119 -20.64 -16.16 -16.49
N ILE A 120 -19.43 -15.65 -16.70
CA ILE A 120 -19.22 -14.23 -16.47
C ILE A 120 -19.75 -13.39 -17.62
N ARG A 121 -20.02 -13.98 -18.78
CA ARG A 121 -20.65 -13.24 -19.86
C ARG A 121 -22.17 -13.29 -19.77
N ALA A 122 -22.73 -14.36 -19.21
CA ALA A 122 -24.16 -14.38 -18.94
C ALA A 122 -24.50 -13.44 -17.80
N MET A 123 -23.68 -13.43 -16.75
CA MET A 123 -23.88 -12.53 -15.63
C MET A 123 -23.45 -11.11 -15.90
N GLU A 124 -22.91 -10.82 -17.10
CA GLU A 124 -22.35 -9.49 -17.34
C GLU A 124 -23.40 -8.38 -17.41
N PRO A 125 -24.34 -8.35 -18.37
CA PRO A 125 -25.06 -7.09 -18.62
C PRO A 125 -26.10 -6.77 -17.55
N ASP A 126 -26.44 -7.72 -16.68
CA ASP A 126 -27.35 -7.42 -15.59
C ASP A 126 -26.70 -6.50 -14.57
N ILE A 127 -25.39 -6.68 -14.35
CA ILE A 127 -24.69 -5.93 -13.31
C ILE A 127 -24.58 -4.47 -13.70
N ILE A 128 -24.25 -4.20 -14.96
CA ILE A 128 -24.23 -2.83 -15.46
C ILE A 128 -25.63 -2.23 -15.40
N GLU A 129 -26.65 -3.04 -15.69
CA GLU A 129 -28.04 -2.60 -15.57
C GLU A 129 -28.41 -2.34 -14.12
N PHE A 130 -27.79 -3.04 -13.18
CA PHE A 130 -28.14 -2.92 -11.77
C PHE A 130 -27.43 -1.76 -11.09
N ALA A 131 -26.25 -1.36 -11.57
CA ALA A 131 -25.48 -0.34 -10.87
C ALA A 131 -25.83 1.07 -11.29
N ASP A 132 -26.15 1.26 -12.58
CA ASP A 132 -26.59 2.53 -13.16
C ASP A 132 -25.53 3.62 -12.98
N ILE A 133 -24.36 3.36 -13.56
CA ILE A 133 -23.23 4.28 -13.52
C ILE A 133 -22.75 4.55 -14.93
N GLY A 134 -23.68 4.49 -15.89
CA GLY A 134 -23.47 4.18 -17.30
C GLY A 134 -22.21 4.57 -18.04
N LYS A 135 -21.88 5.87 -18.09
CA LYS A 135 -20.70 6.28 -18.83
C LYS A 135 -19.41 5.94 -18.09
N PHE A 136 -19.46 5.88 -16.77
CA PHE A 136 -18.27 5.62 -15.97
C PHE A 136 -17.86 4.16 -15.91
N ILE A 137 -18.56 3.27 -16.64
CA ILE A 137 -18.20 1.86 -16.62
C ILE A 137 -16.91 1.59 -17.37
N ASP A 138 -16.45 2.54 -18.19
CA ASP A 138 -15.21 2.35 -18.93
C ASP A 138 -14.18 3.34 -18.43
N GLN A 139 -14.08 3.46 -17.11
CA GLN A 139 -13.19 4.40 -16.48
C GLN A 139 -12.76 3.77 -15.17
N PRO A 140 -11.48 3.87 -14.79
CA PRO A 140 -11.01 3.20 -13.57
C PRO A 140 -11.58 3.80 -12.30
N VAL A 141 -11.53 3.00 -11.24
CA VAL A 141 -12.30 3.23 -10.03
C VAL A 141 -11.80 4.43 -9.24
N LYS A 142 -10.53 4.81 -9.42
CA LYS A 142 -9.99 5.96 -8.70
C LYS A 142 -10.61 7.29 -9.12
N THR A 143 -11.40 7.31 -10.20
CA THR A 143 -12.16 8.49 -10.58
C THR A 143 -13.54 8.53 -9.94
N TYR A 144 -14.00 7.43 -9.36
CA TYR A 144 -15.37 7.37 -8.85
C TYR A 144 -15.47 8.10 -7.52
N SER A 145 -16.70 8.48 -7.16
CA SER A 145 -16.93 9.01 -5.83
C SER A 145 -17.09 7.86 -4.84
N SER A 146 -17.17 8.21 -3.56
CA SER A 146 -17.22 7.20 -2.52
C SER A 146 -18.52 6.42 -2.54
N GLY A 147 -19.60 7.03 -3.02
CA GLY A 147 -20.85 6.32 -3.10
C GLY A 147 -21.04 5.49 -4.33
N MET A 148 -20.06 5.49 -5.24
CA MET A 148 -20.16 4.70 -6.44
C MET A 148 -19.37 3.41 -6.36
N LYS A 149 -18.28 3.40 -5.58
CA LYS A 149 -17.59 2.16 -5.28
C LYS A 149 -18.50 1.21 -4.54
N SER A 150 -19.19 1.71 -3.52
CA SER A 150 -20.15 0.92 -2.78
C SER A 150 -21.37 0.57 -3.64
N ARG A 151 -21.72 1.44 -4.58
CA ARG A 151 -22.73 1.11 -5.57
C ARG A 151 -22.29 -0.07 -6.40
N LEU A 152 -21.02 -0.08 -6.81
CA LEU A 152 -20.54 -1.15 -7.67
C LEU A 152 -20.24 -2.41 -6.87
N GLY A 153 -19.58 -2.26 -5.72
CA GLY A 153 -19.13 -3.41 -4.96
C GLY A 153 -20.24 -4.25 -4.39
N PHE A 154 -21.44 -3.69 -4.24
CA PHE A 154 -22.57 -4.53 -3.87
C PHE A 154 -23.10 -5.30 -5.06
N ALA A 155 -22.97 -4.75 -6.27
CA ALA A 155 -23.59 -5.35 -7.43
C ALA A 155 -22.91 -6.65 -7.84
N ILE A 156 -21.59 -6.74 -7.70
CA ILE A 156 -20.92 -7.99 -8.02
C ILE A 156 -21.14 -9.00 -6.89
N SER A 157 -20.81 -8.61 -5.66
CA SER A 157 -20.84 -9.56 -4.56
C SER A 157 -22.24 -9.74 -3.98
N VAL A 158 -23.23 -9.97 -4.84
CA VAL A 158 -24.53 -10.46 -4.43
C VAL A 158 -24.92 -11.74 -5.15
N ASN A 159 -24.62 -11.83 -6.45
CA ASN A 159 -24.92 -13.02 -7.23
C ASN A 159 -23.86 -14.07 -6.90
N ILE A 160 -24.08 -14.74 -5.77
CA ILE A 160 -23.14 -15.72 -5.26
C ILE A 160 -23.74 -17.11 -5.26
N ASP A 161 -25.02 -17.23 -4.90
CA ASP A 161 -25.72 -18.46 -4.51
C ASP A 161 -24.89 -19.36 -3.59
N PRO A 162 -24.51 -18.90 -2.39
CA PRO A 162 -23.82 -19.80 -1.45
C PRO A 162 -24.83 -20.54 -0.61
N ASP A 163 -24.40 -21.19 0.46
CA ASP A 163 -25.35 -21.77 1.38
C ASP A 163 -25.63 -20.90 2.61
N VAL A 164 -24.60 -20.31 3.23
CA VAL A 164 -24.74 -19.63 4.53
C VAL A 164 -24.18 -18.22 4.39
N LEU A 165 -25.06 -17.22 4.26
CA LEU A 165 -24.60 -15.84 4.17
C LEU A 165 -24.27 -15.26 5.52
N VAL A 166 -23.31 -14.33 5.51
CA VAL A 166 -22.98 -13.50 6.66
C VAL A 166 -22.86 -12.06 6.16
N ILE A 167 -23.57 -11.15 6.81
CA ILE A 167 -23.67 -9.76 6.36
C ILE A 167 -22.97 -8.88 7.38
N ASP A 168 -22.23 -7.87 6.90
CA ASP A 168 -21.68 -6.86 7.80
C ASP A 168 -22.75 -5.82 8.11
N GLU A 169 -22.35 -4.72 8.74
CA GLU A 169 -23.31 -3.76 9.28
C GLU A 169 -23.73 -2.70 8.28
N ALA A 170 -24.08 -3.10 7.05
CA ALA A 170 -24.67 -2.15 6.13
C ALA A 170 -26.06 -2.54 5.67
N LEU A 171 -26.19 -3.67 4.95
CA LEU A 171 -27.39 -4.30 4.39
C LEU A 171 -28.07 -3.49 3.27
N SER A 172 -27.80 -2.19 3.23
CA SER A 172 -28.19 -1.35 2.09
C SER A 172 -27.21 -0.18 2.12
N VAL A 173 -26.10 -0.30 1.39
CA VAL A 173 -25.07 0.70 1.53
C VAL A 173 -25.28 1.86 0.56
N GLY A 174 -25.36 1.57 -0.74
CA GLY A 174 -26.08 2.31 -1.75
C GLY A 174 -26.21 3.81 -1.70
N ASP A 175 -27.46 4.25 -1.78
CA ASP A 175 -27.87 5.64 -1.79
C ASP A 175 -29.38 5.60 -1.63
N GLN A 176 -29.98 6.77 -1.44
CA GLN A 176 -31.42 6.85 -1.56
C GLN A 176 -31.80 6.60 -3.01
N THR A 177 -32.93 5.91 -3.20
CA THR A 177 -33.43 5.36 -4.48
C THR A 177 -32.44 4.37 -5.10
N PHE A 178 -31.60 3.73 -4.28
CA PHE A 178 -30.92 2.53 -4.70
C PHE A 178 -31.10 1.49 -3.60
N ALA A 179 -31.31 1.95 -2.37
CA ALA A 179 -31.59 1.05 -1.27
C ALA A 179 -32.91 0.32 -1.47
N ASP A 180 -33.85 0.93 -2.19
CA ASP A 180 -35.11 0.28 -2.50
C ASP A 180 -34.89 -0.88 -3.45
N LYS A 181 -33.95 -0.76 -4.39
CA LYS A 181 -33.52 -1.92 -5.14
C LYS A 181 -32.76 -2.90 -4.27
N CYS A 182 -32.03 -2.39 -3.29
CA CYS A 182 -31.13 -3.23 -2.51
C CYS A 182 -31.90 -4.11 -1.52
N LEU A 183 -32.85 -3.51 -0.81
CA LEU A 183 -33.65 -4.27 0.15
C LEU A 183 -34.52 -5.30 -0.53
N ASP A 184 -34.98 -5.00 -1.75
CA ASP A 184 -35.74 -5.98 -2.50
C ASP A 184 -34.86 -7.12 -3.00
N LYS A 185 -33.57 -6.86 -3.18
CA LYS A 185 -32.66 -7.93 -3.55
C LYS A 185 -32.39 -8.86 -2.37
N MET A 186 -32.28 -8.30 -1.17
CA MET A 186 -32.09 -9.12 0.02
C MET A 186 -33.35 -9.86 0.43
N ASN A 187 -34.51 -9.48 -0.09
CA ASN A 187 -35.72 -10.26 0.18
C ASN A 187 -35.72 -11.58 -0.57
N GLU A 188 -34.90 -11.71 -1.62
CA GLU A 188 -34.78 -12.98 -2.33
C GLU A 188 -34.17 -14.05 -1.46
N PHE A 189 -33.12 -13.70 -0.71
CA PHE A 189 -32.48 -14.68 0.18
C PHE A 189 -33.40 -15.06 1.32
N LYS A 190 -34.20 -14.11 1.81
CA LYS A 190 -35.22 -14.44 2.81
C LYS A 190 -36.30 -15.31 2.19
N GLU A 191 -36.64 -15.08 0.92
CA GLU A 191 -37.63 -15.91 0.26
C GLU A 191 -37.10 -17.30 -0.02
N ARG A 192 -35.82 -17.40 -0.39
CA ARG A 192 -35.25 -18.68 -0.76
C ARG A 192 -35.05 -19.57 0.45
N GLY A 193 -34.83 -18.97 1.62
CA GLY A 193 -34.81 -19.73 2.86
C GLY A 193 -33.46 -20.21 3.31
N LYS A 194 -32.38 -19.64 2.78
CA LYS A 194 -31.06 -19.97 3.28
C LYS A 194 -30.80 -19.23 4.58
N THR A 195 -29.69 -19.55 5.23
CA THR A 195 -29.33 -18.93 6.50
C THR A 195 -28.55 -17.65 6.27
N ILE A 196 -28.88 -16.62 7.04
CA ILE A 196 -28.24 -15.32 6.94
C ILE A 196 -27.88 -14.87 8.35
N PHE A 197 -26.60 -14.59 8.57
CA PHE A 197 -26.14 -14.08 9.86
C PHE A 197 -25.91 -12.58 9.70
N PHE A 198 -26.80 -11.79 10.28
CA PHE A 198 -26.76 -10.36 10.11
C PHE A 198 -26.25 -9.69 11.37
N ILE A 199 -25.38 -8.71 11.20
CA ILE A 199 -24.77 -7.97 12.30
C ILE A 199 -25.12 -6.51 12.10
N SER A 200 -25.52 -5.82 13.17
CA SER A 200 -25.83 -4.41 13.05
C SER A 200 -25.71 -3.73 14.40
N HIS A 201 -25.94 -2.43 14.40
CA HIS A 201 -26.29 -1.67 15.58
C HIS A 201 -27.63 -0.98 15.41
N SER A 202 -28.19 -0.98 14.21
CA SER A 202 -29.52 -0.43 13.95
C SER A 202 -30.55 -1.41 14.50
N ILE A 203 -31.15 -1.05 15.63
CA ILE A 203 -32.15 -1.90 16.26
C ILE A 203 -33.40 -1.97 15.39
N GLY A 204 -33.73 -0.86 14.72
CA GLY A 204 -34.93 -0.84 13.91
C GLY A 204 -34.85 -1.72 12.68
N GLN A 205 -33.65 -1.88 12.11
CA GLN A 205 -33.54 -2.75 10.95
C GLN A 205 -33.54 -4.22 11.36
N VAL A 206 -32.88 -4.56 12.47
CA VAL A 206 -32.78 -5.95 12.86
C VAL A 206 -34.11 -6.46 13.42
N LYS A 207 -34.96 -5.57 13.94
CA LYS A 207 -36.34 -5.96 14.23
C LYS A 207 -37.10 -6.20 12.94
N SER A 208 -36.82 -5.43 11.90
CA SER A 208 -37.56 -5.51 10.66
C SER A 208 -37.09 -6.64 9.75
N PHE A 209 -36.04 -7.36 10.11
CA PHE A 209 -35.43 -8.25 9.15
C PHE A 209 -35.18 -9.65 9.69
N CYS A 210 -35.00 -9.78 11.00
CA CYS A 210 -34.53 -11.03 11.57
C CYS A 210 -35.64 -11.75 12.32
N GLU A 211 -35.40 -13.03 12.57
CA GLU A 211 -36.32 -13.90 13.30
C GLU A 211 -35.72 -14.41 14.61
N LYS A 212 -34.50 -14.94 14.56
CA LYS A 212 -33.76 -15.25 15.76
C LYS A 212 -32.63 -14.24 15.95
N ALA A 213 -32.08 -14.19 17.16
CA ALA A 213 -31.04 -13.21 17.46
C ALA A 213 -30.21 -13.69 18.63
N LEU A 214 -28.89 -13.63 18.45
CA LEU A 214 -27.95 -13.78 19.56
C LEU A 214 -27.84 -12.49 20.34
N TRP A 215 -27.07 -12.54 21.42
CA TRP A 215 -26.56 -11.33 22.05
C TRP A 215 -25.27 -11.68 22.75
N LEU A 216 -24.20 -11.04 22.33
CA LEU A 216 -22.84 -11.38 22.72
C LEU A 216 -22.30 -10.30 23.62
N GLU A 217 -21.60 -10.70 24.68
CA GLU A 217 -20.99 -9.73 25.58
C GLU A 217 -19.61 -10.25 25.99
N TYR A 218 -18.57 -9.67 25.38
CA TYR A 218 -17.17 -9.91 25.69
C TYR A 218 -16.80 -11.37 25.51
N GLY A 219 -17.36 -12.00 24.48
CA GLY A 219 -17.17 -13.40 24.23
C GLY A 219 -18.20 -14.30 24.86
N GLU A 220 -19.01 -13.78 25.79
CA GLU A 220 -19.97 -14.57 26.53
C GLU A 220 -21.35 -14.37 25.93
N VAL A 221 -22.00 -15.47 25.56
CA VAL A 221 -23.32 -15.41 24.94
C VAL A 221 -24.33 -15.20 26.04
N ARG A 222 -24.72 -13.96 26.27
CA ARG A 222 -25.73 -13.70 27.29
C ARG A 222 -27.09 -13.81 26.62
N GLY A 223 -27.65 -15.01 26.64
CA GLY A 223 -29.01 -15.21 26.16
C GLY A 223 -29.10 -15.37 24.66
N TYR A 224 -30.01 -16.23 24.22
CA TYR A 224 -30.27 -16.46 22.80
C TYR A 224 -31.67 -17.01 22.64
N GLY A 225 -32.57 -16.19 22.13
CA GLY A 225 -33.93 -16.60 21.81
C GLY A 225 -34.28 -16.14 20.41
N THR A 226 -35.55 -15.81 20.20
CA THR A 226 -35.87 -15.34 18.87
C THR A 226 -35.65 -13.84 18.68
N VAL A 227 -36.63 -13.01 19.02
CA VAL A 227 -36.48 -11.56 18.99
C VAL A 227 -37.16 -10.94 20.19
N ALA A 228 -38.27 -11.57 20.61
CA ALA A 228 -39.37 -10.83 21.22
C ALA A 228 -39.05 -10.38 22.63
N GLU A 229 -38.15 -11.07 23.31
CA GLU A 229 -37.77 -10.72 24.67
C GLU A 229 -36.35 -10.20 24.77
N ILE A 230 -35.50 -10.50 23.80
CA ILE A 230 -34.06 -10.32 23.96
C ILE A 230 -33.68 -8.87 23.70
N ILE A 231 -34.08 -8.39 22.51
CA ILE A 231 -33.81 -7.00 22.15
C ILE A 231 -34.42 -5.98 23.10
N PRO A 232 -35.66 -6.13 23.62
CA PRO A 232 -36.07 -5.20 24.69
C PRO A 232 -35.26 -5.37 25.97
N GLN A 233 -34.87 -6.59 26.32
CA GLN A 233 -33.91 -6.76 27.41
C GLN A 233 -32.54 -6.22 27.04
N TYR A 234 -32.18 -6.32 25.77
CA TYR A 234 -30.98 -5.61 25.30
C TYR A 234 -31.20 -4.10 25.36
N GLU A 235 -32.41 -3.64 25.06
CA GLU A 235 -32.71 -2.23 25.27
C GLU A 235 -32.84 -1.90 26.75
N LYS A 236 -33.24 -2.87 27.58
CA LYS A 236 -33.22 -2.66 29.03
C LYS A 236 -31.81 -2.48 29.54
N PHE A 237 -30.84 -3.16 28.93
CA PHE A 237 -29.45 -3.00 29.34
C PHE A 237 -28.92 -1.63 28.96
N LEU A 238 -29.27 -1.15 27.77
CA LEU A 238 -28.72 0.12 27.31
C LEU A 238 -29.34 1.30 28.05
N LYS A 239 -30.65 1.27 28.26
CA LYS A 239 -31.31 2.33 29.03
C LYS A 239 -30.88 2.32 30.48
N GLU A 240 -30.52 1.15 31.01
CA GLU A 240 -29.80 1.11 32.28
C GLU A 240 -28.44 1.74 32.14
N TYR A 241 -27.73 1.44 31.06
CA TYR A 241 -26.36 1.90 30.91
C TYR A 241 -26.28 3.37 30.56
N ARG A 242 -27.19 3.85 29.71
CA ARG A 242 -27.06 5.21 29.18
C ARG A 242 -27.48 6.27 30.19
N ALA A 243 -28.47 5.97 31.04
CA ALA A 243 -29.10 6.96 31.91
C ALA A 243 -28.11 7.56 32.92
N MET A 244 -27.66 6.76 33.87
CA MET A 244 -26.49 7.10 34.65
C MET A 244 -25.59 5.88 34.72
N SER A 245 -26.23 4.70 34.76
CA SER A 245 -25.63 3.43 35.17
C SER A 245 -24.87 3.56 36.50
N ASP A 246 -25.44 4.36 37.41
CA ASP A 246 -24.89 4.65 38.74
C ASP A 246 -23.46 5.15 38.68
N LYS A 247 -23.29 6.37 38.12
CA LYS A 247 -22.06 7.14 38.22
C LYS A 247 -20.86 6.46 37.59
N GLU A 248 -20.72 6.58 36.25
CA GLU A 248 -19.83 5.79 35.38
C GLU A 248 -18.39 5.66 35.88
N LYS A 249 -17.95 6.51 36.80
CA LYS A 249 -16.67 6.28 37.45
C LYS A 249 -16.85 5.33 38.63
N ARG A 250 -17.94 5.48 39.38
CA ARG A 250 -18.12 4.72 40.60
C ARG A 250 -18.51 3.28 40.35
N GLN A 251 -19.25 3.01 39.29
CA GLN A 251 -19.67 1.64 39.07
C GLN A 251 -19.24 1.09 37.71
N TYR A 252 -19.21 1.93 36.66
CA TYR A 252 -18.84 1.37 35.37
C TYR A 252 -17.35 1.07 35.27
N LYS A 253 -16.51 1.83 35.98
CA LYS A 253 -15.12 1.42 36.16
C LYS A 253 -15.05 0.12 36.93
N GLU A 254 -15.92 -0.05 37.93
CA GLU A 254 -16.04 -1.34 38.61
C GLU A 254 -16.63 -2.39 37.67
N ARG A 255 -17.57 -1.97 36.80
CA ARG A 255 -18.25 -2.92 35.90
C ARG A 255 -17.28 -3.53 34.89
N VAL A 256 -16.40 -2.72 34.31
CA VAL A 256 -15.36 -3.23 33.43
C VAL A 256 -14.41 -4.12 34.20
N MET A 257 -14.11 -3.76 35.45
CA MET A 257 -13.26 -4.61 36.27
C MET A 257 -13.97 -5.87 36.71
N ARG A 258 -15.29 -5.83 36.85
CA ARG A 258 -16.03 -7.09 37.00
C ARG A 258 -16.04 -7.88 35.71
N LYS A 259 -15.93 -7.20 34.56
CA LYS A 259 -15.88 -7.86 33.27
C LYS A 259 -14.46 -8.16 32.82
N GLN A 260 -13.46 -7.45 33.37
CA GLN A 260 -12.10 -7.93 33.24
C GLN A 260 -11.87 -9.14 34.14
N GLN A 261 -12.59 -9.20 35.26
CA GLN A 261 -12.71 -10.45 36.00
C GLN A 261 -13.50 -11.49 35.22
N GLY A 262 -14.33 -11.05 34.26
CA GLY A 262 -15.00 -11.94 33.34
C GLY A 262 -14.14 -12.43 32.20
N GLU A 263 -12.84 -12.17 32.23
CA GLU A 263 -11.88 -12.80 31.34
C GLU A 263 -11.45 -14.18 31.84
N PHE A 264 -11.92 -14.60 33.00
CA PHE A 264 -11.42 -15.77 33.71
C PHE A 264 -12.47 -16.13 34.75
N LEU A 265 -12.24 -17.22 35.48
CA LEU A 265 -12.92 -17.45 36.75
C LEU A 265 -12.51 -16.34 37.71
N GLU B 2 -15.98 37.76 5.88
CA GLU B 2 -17.21 38.54 5.77
C GLU B 2 -18.11 37.83 4.74
N HIS B 3 -19.31 37.46 5.21
CA HIS B 3 -20.37 36.71 4.52
C HIS B 3 -20.01 35.22 4.30
N ALA B 4 -18.81 34.86 4.75
CA ALA B 4 -18.32 33.52 5.12
C ALA B 4 -18.06 32.60 3.92
N VAL B 5 -18.52 32.95 2.71
CA VAL B 5 -18.00 32.41 1.45
C VAL B 5 -18.11 33.50 0.40
N ILE B 6 -17.22 33.45 -0.59
CA ILE B 6 -17.29 34.34 -1.75
C ILE B 6 -17.38 33.41 -2.96
N VAL B 7 -18.11 32.30 -2.81
CA VAL B 7 -18.30 31.30 -3.87
C VAL B 7 -18.98 31.95 -5.07
N GLU B 8 -18.32 31.89 -6.22
CA GLU B 8 -18.82 32.54 -7.43
C GLU B 8 -18.40 31.77 -8.67
N ASN B 9 -19.40 31.26 -9.40
CA ASN B 9 -19.28 30.71 -10.75
C ASN B 9 -18.30 29.56 -10.83
N VAL B 10 -18.39 28.63 -9.89
CA VAL B 10 -17.37 27.60 -9.74
C VAL B 10 -17.63 26.48 -10.73
N THR B 11 -16.60 26.13 -11.50
CA THR B 11 -16.62 24.98 -12.37
C THR B 11 -15.44 24.09 -12.08
N LYS B 12 -15.62 22.78 -12.23
CA LYS B 12 -14.53 21.84 -12.05
C LYS B 12 -14.70 20.70 -13.04
N LYS B 13 -13.60 20.29 -13.66
CA LYS B 13 -13.62 19.22 -14.65
C LYS B 13 -12.36 18.37 -14.53
N TYR B 14 -12.55 17.08 -14.25
CA TYR B 14 -11.52 16.09 -14.48
C TYR B 14 -12.03 15.19 -15.60
N LYS B 15 -11.27 15.13 -16.70
CA LYS B 15 -11.83 14.72 -17.98
C LYS B 15 -11.61 13.24 -18.26
N LEU B 16 -12.36 12.74 -19.24
CA LEU B 16 -12.50 11.32 -19.48
C LEU B 16 -11.38 10.80 -20.37
N PHE B 17 -10.80 9.68 -20.00
CA PHE B 17 -9.77 8.98 -20.77
C PHE B 17 -10.25 7.56 -21.04
N LYS B 18 -10.69 7.30 -22.28
CA LYS B 18 -11.30 6.02 -22.62
C LYS B 18 -10.27 4.89 -22.62
N ARG B 19 -9.01 5.22 -22.85
CA ARG B 19 -7.91 4.27 -22.87
C ARG B 19 -6.94 4.62 -21.74
N THR B 20 -5.74 4.05 -21.81
CA THR B 20 -4.70 4.22 -20.81
C THR B 20 -4.26 5.70 -20.70
N SER B 21 -3.39 5.95 -19.73
CA SER B 21 -3.11 7.29 -19.24
C SER B 21 -2.36 8.14 -20.27
N GLU B 22 -2.03 9.37 -19.83
CA GLU B 22 -1.70 10.49 -20.71
C GLU B 22 -0.47 10.21 -21.58
N ARG B 23 -0.36 10.99 -22.67
CA ARG B 23 0.47 10.68 -23.83
C ARG B 23 0.15 9.28 -24.37
N LEU B 24 -1.13 8.93 -24.35
CA LEU B 24 -1.60 7.69 -24.93
C LEU B 24 -1.50 7.70 -26.46
N LEU B 25 -1.56 8.90 -27.05
CA LEU B 25 -1.41 9.04 -28.50
C LEU B 25 -0.62 10.29 -28.86
N ASP B 26 0.03 10.95 -27.92
CA ASP B 26 0.46 12.32 -28.09
C ASP B 26 1.88 12.40 -28.66
N MET B 27 2.23 13.61 -29.10
CA MET B 27 3.50 13.98 -29.71
C MET B 27 4.14 15.03 -28.80
N ILE B 28 5.19 15.71 -29.30
CA ILE B 28 5.86 16.79 -28.57
C ILE B 28 4.91 17.92 -28.19
N LEU B 29 3.84 18.12 -28.96
CA LEU B 29 2.77 19.02 -28.55
C LEU B 29 2.04 18.41 -27.35
N PRO B 30 1.92 19.15 -26.23
CA PRO B 30 1.37 18.55 -25.01
C PRO B 30 -0.14 18.29 -25.02
N GLY B 31 -0.84 18.63 -26.10
CA GLY B 31 -2.27 18.40 -26.14
C GLY B 31 -2.61 16.93 -26.29
N GLY B 32 -3.67 16.51 -25.59
CA GLY B 32 -4.16 15.16 -25.65
C GLY B 32 -5.55 15.09 -26.29
N TYR B 33 -5.96 13.86 -26.57
CA TYR B 33 -7.25 13.59 -27.22
C TYR B 33 -8.09 12.76 -26.24
N GLY B 34 -8.83 13.46 -25.38
CA GLY B 34 -9.72 12.82 -24.44
C GLY B 34 -11.05 13.54 -24.39
N GLU B 35 -12.06 12.82 -23.93
CA GLU B 35 -13.42 13.33 -23.94
C GLU B 35 -13.64 14.22 -22.72
N ASP B 36 -14.37 15.32 -22.93
CA ASP B 36 -14.58 16.29 -21.88
C ASP B 36 -15.65 15.82 -20.90
N PHE B 37 -15.49 16.19 -19.63
CA PHE B 37 -16.50 15.90 -18.62
C PHE B 37 -16.43 16.93 -17.50
N TYR B 38 -17.50 17.69 -17.33
CA TYR B 38 -17.59 18.61 -16.20
C TYR B 38 -18.12 17.87 -14.98
N ALA B 39 -17.90 18.49 -13.82
CA ALA B 39 -18.44 17.94 -12.57
C ALA B 39 -19.14 19.03 -11.77
N LEU B 40 -18.71 20.28 -11.96
CA LEU B 40 -19.38 21.44 -11.39
C LEU B 40 -19.51 22.50 -12.46
N ARG B 41 -20.61 23.26 -12.41
CA ARG B 41 -20.91 24.24 -13.43
C ARG B 41 -21.56 25.45 -12.77
N ASN B 42 -20.79 26.54 -12.64
CA ASN B 42 -21.30 27.89 -12.40
C ASN B 42 -22.04 28.00 -11.06
N VAL B 43 -21.34 27.66 -10.00
CA VAL B 43 -21.92 27.63 -8.66
C VAL B 43 -21.55 28.93 -7.94
N SER B 44 -22.57 29.60 -7.39
CA SER B 44 -22.38 30.88 -6.72
C SER B 44 -23.38 30.97 -5.58
N PHE B 45 -22.88 31.07 -4.35
CA PHE B 45 -23.79 31.25 -3.21
C PHE B 45 -23.05 31.99 -2.10
N THR B 46 -23.81 32.35 -1.07
CA THR B 46 -23.32 33.12 0.06
C THR B 46 -23.74 32.42 1.34
N ALA B 47 -22.95 32.58 2.41
CA ALA B 47 -23.22 31.89 3.66
C ALA B 47 -23.44 32.80 4.85
N ASP B 48 -23.24 34.13 4.69
CA ASP B 48 -23.59 35.26 5.58
C ASP B 48 -23.46 34.97 7.07
N LYS B 49 -22.37 34.27 7.42
CA LYS B 49 -21.90 33.80 8.73
C LYS B 49 -22.74 32.64 9.27
N GLY B 50 -23.92 32.44 8.69
CA GLY B 50 -24.79 31.28 8.85
C GLY B 50 -24.98 30.70 10.23
N ASP B 51 -25.37 29.43 10.27
CA ASP B 51 -24.97 28.54 11.35
C ASP B 51 -24.51 27.21 10.77
N VAL B 52 -25.25 26.71 9.78
CA VAL B 52 -25.10 25.35 9.30
C VAL B 52 -25.83 25.20 7.98
N ILE B 53 -25.21 24.48 7.04
CA ILE B 53 -25.79 24.24 5.73
C ILE B 53 -25.73 22.75 5.43
N GLY B 54 -26.89 22.15 5.18
CA GLY B 54 -26.91 20.79 4.70
C GLY B 54 -26.72 20.71 3.20
N ILE B 55 -26.24 19.57 2.74
CA ILE B 55 -26.05 19.29 1.31
C ILE B 55 -26.61 17.90 1.04
N VAL B 56 -27.57 17.81 0.13
CA VAL B 56 -28.24 16.55 -0.18
C VAL B 56 -28.22 16.33 -1.68
N GLY B 57 -28.89 15.26 -2.11
CA GLY B 57 -29.08 15.02 -3.53
C GLY B 57 -28.90 13.57 -3.91
N VAL B 58 -28.18 13.32 -5.00
CA VAL B 58 -27.81 11.98 -5.44
C VAL B 58 -26.31 11.96 -5.63
N ASN B 59 -25.63 10.90 -5.16
CA ASN B 59 -24.17 10.86 -5.17
C ASN B 59 -23.60 10.55 -6.56
N GLY B 60 -24.43 10.57 -7.60
CA GLY B 60 -23.90 10.74 -8.95
C GLY B 60 -23.24 12.09 -9.13
N SER B 61 -23.66 13.09 -8.36
CA SER B 61 -23.02 14.40 -8.36
C SER B 61 -21.83 14.49 -7.40
N GLY B 62 -21.34 13.35 -6.90
CA GLY B 62 -20.09 13.30 -6.14
C GLY B 62 -20.18 13.87 -4.74
N LYS B 63 -20.54 15.15 -4.65
CA LYS B 63 -20.91 15.92 -3.46
C LYS B 63 -19.76 16.20 -2.50
N SER B 64 -18.66 15.48 -2.65
CA SER B 64 -17.48 15.71 -1.88
C SER B 64 -16.55 16.68 -2.58
N THR B 65 -16.73 16.80 -3.90
CA THR B 65 -16.01 17.79 -4.68
C THR B 65 -16.32 19.19 -4.18
N LEU B 66 -17.61 19.50 -4.02
CA LEU B 66 -17.99 20.83 -3.56
C LEU B 66 -17.57 21.07 -2.12
N SER B 67 -17.43 20.01 -1.33
CA SER B 67 -16.98 20.16 0.04
C SER B 67 -15.52 20.59 0.09
N ASN B 68 -14.63 19.76 -0.46
CA ASN B 68 -13.22 20.02 -0.27
C ASN B 68 -12.66 21.12 -1.16
N ILE B 69 -13.45 21.63 -2.10
CA ILE B 69 -13.17 22.95 -2.65
C ILE B 69 -13.20 23.99 -1.55
N ILE B 70 -14.25 23.96 -0.73
CA ILE B 70 -14.38 24.92 0.36
C ILE B 70 -13.35 24.66 1.44
N ALA B 71 -12.90 23.42 1.57
CA ALA B 71 -11.77 23.12 2.44
C ALA B 71 -10.45 23.61 1.87
N GLY B 72 -10.43 24.04 0.61
CA GLY B 72 -9.23 24.62 0.02
C GLY B 72 -8.16 23.59 -0.26
N ILE B 73 -8.52 22.47 -0.86
CA ILE B 73 -7.53 21.43 -1.08
C ILE B 73 -7.65 20.95 -2.52
N LEU B 74 -8.71 21.35 -3.21
CA LEU B 74 -8.69 21.18 -4.64
C LEU B 74 -8.72 22.55 -5.31
N PRO B 75 -8.02 22.72 -6.41
CA PRO B 75 -8.10 23.97 -7.15
C PRO B 75 -9.27 23.96 -8.10
N PRO B 76 -10.12 24.98 -8.06
CA PRO B 76 -11.19 25.08 -9.05
C PRO B 76 -10.61 25.51 -10.38
N THR B 77 -11.26 25.05 -11.46
CA THR B 77 -10.80 25.41 -12.79
C THR B 77 -11.10 26.87 -13.10
N SER B 78 -12.26 27.35 -12.69
CA SER B 78 -12.65 28.72 -12.97
C SER B 78 -13.55 29.21 -11.86
N GLY B 79 -13.20 30.35 -11.28
CA GLY B 79 -13.95 30.87 -10.16
C GLY B 79 -13.05 31.14 -8.97
N THR B 80 -13.47 32.02 -8.08
CA THR B 80 -12.70 32.38 -6.90
C THR B 80 -13.52 32.10 -5.66
N ILE B 81 -12.84 31.66 -4.61
CA ILE B 81 -13.46 31.39 -3.32
C ILE B 81 -12.55 31.98 -2.25
N LYS B 82 -13.14 32.75 -1.33
CA LYS B 82 -12.38 33.42 -0.28
C LYS B 82 -13.10 33.21 1.04
N ILE B 83 -12.44 32.61 2.04
CA ILE B 83 -13.18 32.42 3.28
C ILE B 83 -12.48 33.07 4.47
N ASP B 84 -11.45 32.38 4.99
CA ASP B 84 -10.93 32.51 6.35
C ASP B 84 -9.80 31.52 6.58
N GLY B 85 -9.41 31.35 7.84
CA GLY B 85 -8.62 30.19 8.25
C GLY B 85 -9.49 28.97 8.46
N GLN B 86 -9.89 28.31 7.38
CA GLN B 86 -10.88 27.25 7.38
C GLN B 86 -10.31 25.96 7.95
N ALA B 87 -11.16 24.93 8.01
CA ALA B 87 -10.74 23.60 8.45
C ALA B 87 -10.30 22.74 7.29
N SER B 88 -9.28 21.93 7.54
CA SER B 88 -9.25 20.60 6.96
C SER B 88 -10.45 19.87 7.53
N LEU B 89 -11.26 19.27 6.64
CA LEU B 89 -12.68 19.03 6.90
C LEU B 89 -12.99 18.18 8.15
N ILE B 90 -12.75 16.88 8.11
CA ILE B 90 -12.79 15.95 9.24
C ILE B 90 -11.83 14.83 8.89
N ALA B 91 -10.86 14.56 9.75
CA ALA B 91 -9.91 13.48 9.50
C ALA B 91 -10.36 12.18 10.14
N ILE B 92 -11.60 11.77 9.89
CA ILE B 92 -12.09 10.51 10.43
C ILE B 92 -11.52 9.36 9.62
N SER B 93 -11.00 8.35 10.33
CA SER B 93 -10.50 7.08 9.79
C SER B 93 -9.40 7.27 8.75
N SER B 94 -8.67 8.37 8.80
CA SER B 94 -7.65 8.68 7.81
C SER B 94 -6.44 9.25 8.53
N GLY B 95 -5.26 8.90 8.05
CA GLY B 95 -4.04 9.32 8.68
C GLY B 95 -3.58 8.46 9.83
N LEU B 96 -4.35 7.45 10.21
CA LEU B 96 -3.98 6.53 11.28
C LEU B 96 -3.10 5.44 10.68
N ASN B 97 -1.83 5.42 11.06
CA ASN B 97 -0.95 4.35 10.61
C ASN B 97 -1.28 3.08 11.37
N ASN B 98 -1.42 1.97 10.66
CA ASN B 98 -1.80 0.73 11.32
C ASN B 98 -0.58 -0.06 11.78
N GLN B 99 0.38 0.60 12.41
CA GLN B 99 1.52 -0.08 13.00
C GLN B 99 1.89 0.49 14.35
N LEU B 100 1.20 1.52 14.82
CA LEU B 100 1.58 2.27 16.00
C LEU B 100 0.46 2.24 17.02
N THR B 101 0.81 2.41 18.29
CA THR B 101 -0.17 2.25 19.35
C THR B 101 -1.04 3.49 19.48
N GLY B 102 -1.96 3.43 20.46
CA GLY B 102 -2.87 4.53 20.67
C GLY B 102 -2.22 5.77 21.23
N ARG B 103 -1.19 5.59 22.06
CA ARG B 103 -0.39 6.73 22.49
C ARG B 103 0.36 7.34 21.33
N GLU B 104 0.75 6.52 20.37
CA GLU B 104 1.55 7.01 19.25
C GLU B 104 0.69 7.79 18.26
N ASN B 105 -0.43 7.21 17.83
CA ASN B 105 -1.22 7.81 16.77
C ASN B 105 -1.96 9.06 17.21
N ILE B 106 -2.09 9.29 18.52
CA ILE B 106 -2.50 10.60 18.97
C ILE B 106 -1.41 11.62 18.67
N GLU B 107 -0.15 11.24 18.90
CA GLU B 107 0.94 12.14 18.56
C GLU B 107 1.14 12.28 17.06
N LEU B 108 0.66 11.33 16.26
CA LEU B 108 0.62 11.57 14.82
C LEU B 108 -0.33 12.70 14.51
N LYS B 109 -1.62 12.45 14.70
CA LYS B 109 -2.64 13.26 14.09
C LYS B 109 -2.75 14.63 14.74
N CYS B 110 -2.44 14.72 16.03
CA CYS B 110 -2.44 16.02 16.67
C CYS B 110 -1.27 16.87 16.20
N LEU B 111 -0.19 16.23 15.77
CA LEU B 111 0.90 16.97 15.14
C LEU B 111 0.62 17.24 13.67
N MET B 112 -0.12 16.34 13.01
CA MET B 112 -0.48 16.56 11.61
C MET B 112 -1.42 17.74 11.48
N LEU B 113 -2.32 17.91 12.44
CA LEU B 113 -3.20 19.07 12.45
C LEU B 113 -2.49 20.32 12.94
N GLY B 114 -1.43 20.16 13.73
CA GLY B 114 -0.60 21.29 14.11
C GLY B 114 -0.91 21.82 15.49
N PHE B 115 -0.13 21.37 16.47
CA PHE B 115 -0.27 21.81 17.85
C PHE B 115 1.11 21.69 18.50
N SER B 116 1.40 22.58 19.44
CA SER B 116 2.73 22.60 20.03
C SER B 116 2.90 21.42 21.00
N LYS B 117 4.15 21.23 21.42
CA LYS B 117 4.49 20.05 22.22
C LYS B 117 3.89 20.11 23.62
N LYS B 118 3.63 21.31 24.13
CA LYS B 118 2.94 21.43 25.40
C LYS B 118 1.43 21.31 25.25
N GLN B 119 0.90 21.59 24.06
CA GLN B 119 -0.53 21.44 23.84
C GLN B 119 -0.94 19.99 23.75
N ILE B 120 -0.05 19.12 23.25
CA ILE B 120 -0.45 17.73 23.09
C ILE B 120 -0.43 16.97 24.40
N ARG B 121 0.23 17.50 25.43
CA ARG B 121 0.17 16.89 26.75
C ARG B 121 -1.00 17.40 27.57
N ALA B 122 -1.44 18.63 27.34
CA ALA B 122 -2.66 19.11 27.96
C ALA B 122 -3.87 18.43 27.35
N MET B 123 -3.87 18.26 26.03
CA MET B 123 -4.96 17.59 25.34
C MET B 123 -4.90 16.07 25.45
N GLU B 124 -3.87 15.53 26.12
CA GLU B 124 -3.69 14.07 26.13
C GLU B 124 -4.78 13.32 26.91
N PRO B 125 -4.92 13.49 28.24
CA PRO B 125 -5.70 12.49 28.99
C PRO B 125 -7.19 12.60 28.79
N ASP B 126 -7.68 13.68 28.18
CA ASP B 126 -9.10 13.77 27.87
C ASP B 126 -9.47 12.81 26.77
N ILE B 127 -8.58 12.61 25.81
CA ILE B 127 -8.89 11.78 24.64
C ILE B 127 -9.01 10.32 25.03
N ILE B 128 -8.10 9.85 25.89
CA ILE B 128 -8.20 8.49 26.42
C ILE B 128 -9.46 8.35 27.26
N GLU B 129 -9.81 9.39 28.01
CA GLU B 129 -11.05 9.41 28.76
C GLU B 129 -12.27 9.42 27.85
N PHE B 130 -12.14 9.99 26.66
CA PHE B 130 -13.28 10.10 25.76
C PHE B 130 -13.50 8.85 24.91
N ALA B 131 -12.45 8.08 24.65
CA ALA B 131 -12.58 6.95 23.73
C ALA B 131 -13.01 5.68 24.42
N ASP B 132 -12.55 5.47 25.66
CA ASP B 132 -12.90 4.33 26.52
C ASP B 132 -12.54 3.00 25.87
N ILE B 133 -11.24 2.84 25.61
CA ILE B 133 -10.70 1.63 25.01
C ILE B 133 -9.57 1.10 25.89
N GLY B 134 -9.69 1.34 27.20
CA GLY B 134 -8.61 1.44 28.17
C GLY B 134 -7.34 0.61 28.07
N LYS B 135 -7.46 -0.72 28.05
CA LYS B 135 -6.25 -1.53 27.99
C LYS B 135 -5.62 -1.52 26.60
N PHE B 136 -6.42 -1.32 25.57
CA PHE B 136 -5.93 -1.36 24.19
C PHE B 136 -5.22 -0.08 23.77
N ILE B 137 -5.06 0.89 24.66
CA ILE B 137 -4.37 2.13 24.28
C ILE B 137 -2.88 1.92 24.10
N ASP B 138 -2.33 0.81 24.58
CA ASP B 138 -0.92 0.54 24.43
C ASP B 138 -0.72 -0.65 23.52
N GLN B 139 -1.47 -0.67 22.42
CA GLN B 139 -1.44 -1.77 21.50
C GLN B 139 -1.71 -1.18 20.12
N PRO B 140 -1.00 -1.62 19.08
CA PRO B 140 -1.17 -1.01 17.76
C PRO B 140 -2.53 -1.29 17.13
N VAL B 141 -2.87 -0.43 16.17
CA VAL B 141 -4.24 -0.30 15.67
C VAL B 141 -4.69 -1.52 14.88
N LYS B 142 -3.75 -2.27 14.30
CA LYS B 142 -4.11 -3.46 13.54
C LYS B 142 -4.71 -4.58 14.38
N THR B 143 -4.67 -4.47 15.70
CA THR B 143 -5.37 -5.39 16.58
C THR B 143 -6.80 -4.96 16.89
N TYR B 144 -7.16 -3.72 16.58
CA TYR B 144 -8.47 -3.20 16.97
C TYR B 144 -9.54 -3.75 16.05
N SER B 145 -10.79 -3.69 16.51
CA SER B 145 -11.90 -4.00 15.64
C SER B 145 -12.26 -2.77 14.83
N SER B 146 -13.19 -2.96 13.89
CA SER B 146 -13.54 -1.88 12.97
C SER B 146 -14.28 -0.75 13.66
N GLY B 147 -14.98 -1.05 14.75
CA GLY B 147 -15.67 -0.01 15.48
C GLY B 147 -14.83 0.71 16.49
N MET B 148 -13.58 0.33 16.64
CA MET B 148 -12.69 1.00 17.58
C MET B 148 -11.76 1.98 16.92
N LYS B 149 -11.41 1.75 15.65
CA LYS B 149 -10.69 2.75 14.87
C LYS B 149 -11.53 4.00 14.71
N SER B 150 -12.81 3.82 14.36
CA SER B 150 -13.73 4.94 14.25
C SER B 150 -14.04 5.55 15.61
N ARG B 151 -14.00 4.72 16.66
CA ARG B 151 -14.08 5.25 18.02
C ARG B 151 -12.89 6.16 18.31
N LEU B 152 -11.71 5.76 17.89
CA LEU B 152 -10.52 6.54 18.17
C LEU B 152 -10.39 7.73 17.24
N GLY B 153 -10.62 7.50 15.94
CA GLY B 153 -10.39 8.52 14.94
C GLY B 153 -11.31 9.73 15.05
N PHE B 154 -12.46 9.55 15.69
CA PHE B 154 -13.29 10.72 15.98
C PHE B 154 -12.75 11.50 17.16
N ALA B 155 -12.11 10.82 18.10
CA ALA B 155 -11.71 11.47 19.34
C ALA B 155 -10.57 12.46 19.13
N ILE B 156 -9.63 12.15 18.23
CA ILE B 156 -8.58 13.12 17.96
C ILE B 156 -9.10 14.25 17.08
N SER B 157 -9.70 13.90 15.95
CA SER B 157 -10.08 14.92 14.99
C SER B 157 -11.42 15.57 15.32
N VAL B 158 -11.59 16.00 16.57
CA VAL B 158 -12.68 16.88 16.96
C VAL B 158 -12.15 18.15 17.63
N ASN B 159 -11.14 18.02 18.49
CA ASN B 159 -10.55 19.17 19.17
C ASN B 159 -9.64 19.89 18.18
N ILE B 160 -10.26 20.68 17.32
CA ILE B 160 -9.57 21.38 16.25
C ILE B 160 -9.61 22.90 16.46
N ASP B 161 -10.74 23.42 16.91
CA ASP B 161 -11.14 24.82 16.88
C ASP B 161 -10.80 25.52 15.56
N PRO B 162 -11.36 25.09 14.43
CA PRO B 162 -11.12 25.82 13.18
C PRO B 162 -12.16 26.91 13.02
N ASP B 163 -12.27 27.50 11.83
CA ASP B 163 -13.36 28.43 11.59
C ASP B 163 -14.55 27.81 10.87
N VAL B 164 -14.32 27.01 9.82
CA VAL B 164 -15.39 26.51 8.94
C VAL B 164 -15.31 25.00 8.88
N LEU B 165 -16.19 24.31 9.60
CA LEU B 165 -16.20 22.85 9.55
C LEU B 165 -16.93 22.32 8.33
N VAL B 166 -16.47 21.15 7.86
CA VAL B 166 -17.14 20.37 6.84
C VAL B 166 -17.18 18.93 7.32
N ILE B 167 -18.38 18.33 7.32
CA ILE B 167 -18.60 17.01 7.87
C ILE B 167 -18.94 16.05 6.74
N ASP B 168 -18.40 14.83 6.80
CA ASP B 168 -18.82 13.79 5.86
C ASP B 168 -20.11 13.15 6.34
N GLU B 169 -20.50 12.05 5.72
CA GLU B 169 -21.82 11.48 5.95
C GLU B 169 -21.87 10.51 7.12
N ALA B 170 -21.28 10.87 8.26
CA ALA B 170 -21.47 10.05 9.45
C ALA B 170 -22.12 10.80 10.59
N LEU B 171 -21.46 11.84 11.13
CA LEU B 171 -21.84 12.75 12.22
C LEU B 171 -21.93 12.07 13.59
N SER B 172 -22.09 10.75 13.61
CA SER B 172 -21.96 9.96 14.84
C SER B 172 -21.59 8.56 14.35
N VAL B 173 -20.30 8.28 14.27
CA VAL B 173 -19.89 7.03 13.66
C VAL B 173 -19.83 5.90 14.68
N GLY B 174 -19.03 6.07 15.74
CA GLY B 174 -19.19 5.49 17.06
C GLY B 174 -19.77 4.11 17.25
N ASP B 175 -20.79 4.06 18.09
CA ASP B 175 -21.50 2.86 18.50
C ASP B 175 -22.71 3.37 19.26
N GLN B 176 -23.63 2.46 19.57
CA GLN B 176 -24.67 2.79 20.53
C GLN B 176 -24.02 3.01 21.89
N THR B 177 -24.56 3.98 22.63
CA THR B 177 -24.00 4.53 23.88
C THR B 177 -22.61 5.11 23.70
N PHE B 178 -22.27 5.54 22.48
CA PHE B 178 -21.16 6.44 22.28
C PHE B 178 -21.62 7.59 21.42
N ALA B 179 -22.65 7.33 20.61
CA ALA B 179 -23.24 8.38 19.79
C ALA B 179 -23.90 9.45 20.64
N ASP B 180 -24.36 9.08 21.84
CA ASP B 180 -24.93 10.04 22.76
C ASP B 180 -23.86 10.99 23.28
N LYS B 181 -22.64 10.50 23.49
CA LYS B 181 -21.53 11.41 23.72
C LYS B 181 -21.19 12.19 22.47
N CYS B 182 -21.36 11.58 21.30
CA CYS B 182 -20.90 12.19 20.06
C CYS B 182 -21.80 13.34 19.63
N LEU B 183 -23.11 13.13 19.68
CA LEU B 183 -24.05 14.18 19.29
C LEU B 183 -24.00 15.36 20.26
N ASP B 184 -23.71 15.10 21.53
CA ASP B 184 -23.56 16.18 22.48
C ASP B 184 -22.26 16.95 22.25
N LYS B 185 -21.25 16.30 21.65
CA LYS B 185 -20.04 17.01 21.31
C LYS B 185 -20.27 17.92 20.11
N MET B 186 -21.05 17.47 19.14
CA MET B 186 -21.37 18.30 17.99
C MET B 186 -22.34 19.43 18.32
N ASN B 187 -23.02 19.37 19.46
CA ASN B 187 -23.84 20.49 19.87
C ASN B 187 -23.01 21.67 20.34
N GLU B 188 -21.74 21.45 20.68
CA GLU B 188 -20.86 22.55 21.05
C GLU B 188 -20.59 23.47 19.87
N PHE B 189 -20.35 22.89 18.69
CA PHE B 189 -20.11 23.72 17.51
C PHE B 189 -21.37 24.47 17.09
N LYS B 190 -22.53 23.85 17.27
CA LYS B 190 -23.79 24.56 17.03
C LYS B 190 -23.98 25.65 18.07
N GLU B 191 -23.55 25.42 19.31
CA GLU B 191 -23.66 26.43 20.35
C GLU B 191 -22.68 27.56 20.11
N ARG B 192 -21.47 27.24 19.65
CA ARG B 192 -20.44 28.25 19.48
C ARG B 192 -20.75 29.16 18.29
N GLY B 193 -21.45 28.64 17.29
CA GLY B 193 -21.95 29.47 16.21
C GLY B 193 -21.05 29.56 14.99
N LYS B 194 -20.10 28.65 14.84
CA LYS B 194 -19.30 28.60 13.62
C LYS B 194 -20.09 27.95 12.51
N THR B 195 -19.54 27.99 11.30
CA THR B 195 -20.21 27.42 10.15
C THR B 195 -19.87 25.94 10.00
N ILE B 196 -20.88 25.14 9.68
CA ILE B 196 -20.72 23.70 9.52
C ILE B 196 -21.42 23.30 8.24
N PHE B 197 -20.68 22.68 7.33
CA PHE B 197 -21.24 22.18 6.08
C PHE B 197 -21.42 20.68 6.23
N PHE B 198 -22.65 20.26 6.37
CA PHE B 198 -22.95 18.86 6.64
C PHE B 198 -23.52 18.19 5.38
N ILE B 199 -23.04 16.99 5.12
CA ILE B 199 -23.45 16.21 3.95
C ILE B 199 -24.04 14.90 4.48
N SER B 200 -25.17 14.48 3.93
CA SER B 200 -25.76 13.21 4.34
C SER B 200 -26.68 12.67 3.26
N HIS B 201 -27.22 11.50 3.55
CA HIS B 201 -28.40 11.00 2.88
C HIS B 201 -29.52 10.72 3.87
N SER B 202 -29.23 10.77 5.16
CA SER B 202 -30.24 10.63 6.21
C SER B 202 -31.04 11.92 6.28
N ILE B 203 -32.27 11.86 5.76
CA ILE B 203 -33.14 13.03 5.76
C ILE B 203 -33.55 13.38 7.18
N GLY B 204 -33.73 12.38 8.03
CA GLY B 204 -34.15 12.63 9.40
C GLY B 204 -33.10 13.33 10.24
N GLN B 205 -31.83 13.07 9.97
CA GLN B 205 -30.80 13.75 10.73
C GLN B 205 -30.61 15.18 10.27
N VAL B 206 -30.65 15.41 8.95
CA VAL B 206 -30.41 16.74 8.43
C VAL B 206 -31.58 17.68 8.72
N LYS B 207 -32.79 17.13 8.89
CA LYS B 207 -33.88 17.94 9.43
C LYS B 207 -33.62 18.28 10.88
N SER B 208 -33.03 17.36 11.63
CA SER B 208 -32.82 17.54 13.06
C SER B 208 -31.60 18.38 13.39
N PHE B 209 -30.81 18.79 12.40
CA PHE B 209 -29.51 19.36 12.72
C PHE B 209 -29.24 20.66 12.00
N CYS B 210 -29.83 20.86 10.83
CA CYS B 210 -29.46 21.96 9.97
C CYS B 210 -30.51 23.05 9.95
N GLU B 211 -30.10 24.22 9.46
CA GLU B 211 -30.97 25.39 9.32
C GLU B 211 -31.13 25.82 7.88
N LYS B 212 -30.04 25.95 7.15
CA LYS B 212 -30.10 26.15 5.70
C LYS B 212 -29.65 24.86 5.01
N ALA B 213 -29.97 24.77 3.72
CA ALA B 213 -29.66 23.55 2.97
C ALA B 213 -29.58 23.86 1.48
N LEU B 214 -28.51 23.40 0.85
CA LEU B 214 -28.40 23.37 -0.59
C LEU B 214 -29.18 22.19 -1.15
N TRP B 215 -29.22 22.11 -2.48
CA TRP B 215 -29.56 20.87 -3.16
C TRP B 215 -28.90 20.89 -4.52
N LEU B 216 -28.04 19.91 -4.74
CA LEU B 216 -27.15 19.87 -5.89
C LEU B 216 -27.60 18.76 -6.82
N GLU B 217 -27.58 19.04 -8.12
CA GLU B 217 -27.94 18.03 -9.12
C GLU B 217 -26.99 18.14 -10.30
N TYR B 218 -26.03 17.22 -10.35
CA TYR B 218 -25.08 17.05 -11.46
C TYR B 218 -24.27 18.32 -11.69
N GLY B 219 -23.90 18.97 -10.59
CA GLY B 219 -23.19 20.23 -10.65
C GLY B 219 -24.07 21.45 -10.65
N GLU B 220 -25.38 21.28 -10.85
CA GLU B 220 -26.30 22.40 -10.97
C GLU B 220 -27.04 22.56 -9.65
N VAL B 221 -26.98 23.77 -9.09
CA VAL B 221 -27.62 24.05 -7.82
C VAL B 221 -29.10 24.26 -8.08
N ARG B 222 -29.90 23.21 -7.90
CA ARG B 222 -31.33 23.38 -8.10
C ARG B 222 -31.93 23.82 -6.77
N GLY B 223 -32.01 25.13 -6.59
CA GLY B 223 -32.68 25.67 -5.42
C GLY B 223 -31.81 25.72 -4.17
N TYR B 224 -31.99 26.76 -3.38
CA TYR B 224 -31.27 26.92 -2.12
C TYR B 224 -32.07 27.85 -1.22
N GLY B 225 -32.69 27.29 -0.19
CA GLY B 225 -33.38 28.05 0.82
C GLY B 225 -32.95 27.59 2.20
N THR B 226 -33.90 27.64 3.14
CA THR B 226 -33.49 27.15 4.46
C THR B 226 -33.65 25.65 4.63
N VAL B 227 -34.84 25.18 5.03
CA VAL B 227 -35.14 23.76 5.11
C VAL B 227 -36.55 23.49 4.61
N ALA B 228 -37.43 24.46 4.86
CA ALA B 228 -38.84 24.16 5.10
C ALA B 228 -39.57 23.75 3.82
N GLU B 229 -39.10 24.21 2.68
CA GLU B 229 -39.71 23.90 1.42
C GLU B 229 -38.86 22.98 0.55
N ILE B 230 -37.55 22.92 0.78
CA ILE B 230 -36.62 22.33 -0.17
C ILE B 230 -36.61 20.82 -0.03
N ILE B 231 -36.36 20.37 1.20
CA ILE B 231 -36.35 18.93 1.49
C ILE B 231 -37.68 18.24 1.18
N PRO B 232 -38.86 18.80 1.49
CA PRO B 232 -40.08 18.15 0.96
C PRO B 232 -40.18 18.18 -0.55
N GLN B 233 -39.72 19.27 -1.19
CA GLN B 233 -39.61 19.24 -2.65
C GLN B 233 -38.52 18.29 -3.11
N TYR B 234 -37.46 18.14 -2.30
CA TYR B 234 -36.50 17.07 -2.56
C TYR B 234 -37.14 15.72 -2.33
N GLU B 235 -38.01 15.60 -1.33
CA GLU B 235 -38.78 14.38 -1.17
C GLU B 235 -39.86 14.26 -2.24
N LYS B 236 -40.36 15.37 -2.77
CA LYS B 236 -41.26 15.30 -3.92
C LYS B 236 -40.55 14.76 -5.15
N PHE B 237 -39.26 15.05 -5.30
CA PHE B 237 -38.51 14.53 -6.43
C PHE B 237 -38.29 13.03 -6.30
N LEU B 238 -38.01 12.56 -5.08
CA LEU B 238 -37.68 11.15 -4.91
C LEU B 238 -38.94 10.28 -5.02
N LYS B 239 -40.04 10.73 -4.41
CA LYS B 239 -41.30 10.00 -4.52
C LYS B 239 -41.83 10.01 -5.95
N GLU B 240 -41.53 11.07 -6.70
CA GLU B 240 -41.73 11.02 -8.14
C GLU B 240 -40.81 9.98 -8.77
N TYR B 241 -39.55 9.96 -8.35
CA TYR B 241 -38.57 9.10 -9.00
C TYR B 241 -38.74 7.64 -8.60
N ARG B 242 -39.06 7.38 -7.34
CA ARG B 242 -39.06 6.00 -6.85
C ARG B 242 -40.28 5.22 -7.30
N ALA B 243 -41.43 5.88 -7.44
CA ALA B 243 -42.71 5.21 -7.66
C ALA B 243 -42.75 4.44 -8.97
N MET B 244 -42.74 5.16 -10.09
CA MET B 244 -42.41 4.56 -11.38
C MET B 244 -41.42 5.46 -12.09
N SER B 245 -41.57 6.77 -11.86
CA SER B 245 -40.99 7.83 -12.68
C SER B 245 -41.24 7.62 -14.17
N ASP B 246 -42.44 7.12 -14.49
CA ASP B 246 -42.90 6.80 -15.84
C ASP B 246 -41.94 5.89 -16.59
N LYS B 247 -41.85 4.64 -16.11
CA LYS B 247 -41.21 3.54 -16.85
C LYS B 247 -39.73 3.77 -17.10
N GLU B 248 -38.88 3.48 -16.10
CA GLU B 248 -37.46 3.88 -16.02
C GLU B 248 -36.63 3.62 -17.28
N LYS B 249 -37.10 2.78 -18.19
CA LYS B 249 -36.46 2.67 -19.48
C LYS B 249 -37.00 3.74 -20.43
N ARG B 250 -38.31 3.99 -20.37
CA ARG B 250 -38.94 4.89 -21.32
C ARG B 250 -38.65 6.34 -21.04
N GLN B 251 -38.50 6.72 -19.78
CA GLN B 251 -38.29 8.13 -19.49
C GLN B 251 -37.00 8.39 -18.71
N TYR B 252 -36.60 7.49 -17.82
CA TYR B 252 -35.39 7.77 -17.05
C TYR B 252 -34.13 7.61 -17.89
N LYS B 253 -34.15 6.70 -18.86
CA LYS B 253 -33.09 6.69 -19.86
C LYS B 253 -33.11 7.99 -20.67
N GLU B 254 -34.30 8.49 -20.97
CA GLU B 254 -34.40 9.82 -21.57
C GLU B 254 -33.99 10.91 -20.59
N ARG B 255 -34.29 10.71 -19.29
CA ARG B 255 -33.99 11.72 -18.27
C ARG B 255 -32.49 11.92 -18.11
N VAL B 256 -31.73 10.83 -18.06
CA VAL B 256 -30.28 10.93 -18.02
C VAL B 256 -29.75 11.56 -19.30
N MET B 257 -30.38 11.24 -20.44
CA MET B 257 -29.96 11.87 -21.69
C MET B 257 -30.38 13.33 -21.75
N ARG B 258 -31.48 13.71 -21.08
CA ARG B 258 -31.75 15.12 -20.90
C ARG B 258 -30.75 15.75 -19.95
N LYS B 259 -30.20 14.97 -19.02
CA LYS B 259 -29.21 15.45 -18.08
C LYS B 259 -27.78 15.27 -18.59
N GLN B 260 -27.56 14.35 -19.53
CA GLN B 260 -26.32 14.39 -20.30
C GLN B 260 -26.32 15.55 -21.26
N GLN B 261 -27.51 15.93 -21.75
CA GLN B 261 -27.67 17.22 -22.41
C GLN B 261 -27.48 18.37 -21.42
N GLY B 262 -27.68 18.12 -20.12
CA GLY B 262 -27.38 19.08 -19.08
C GLY B 262 -25.90 19.17 -18.72
N GLU B 263 -25.03 18.53 -19.49
CA GLU B 263 -23.59 18.76 -19.41
C GLU B 263 -23.15 19.99 -20.20
N PHE B 264 -24.07 20.64 -20.90
CA PHE B 264 -23.76 21.67 -21.88
C PHE B 264 -25.07 22.43 -22.14
N LEU B 265 -25.00 23.46 -22.98
CA LEU B 265 -26.19 24.00 -23.60
C LEU B 265 -26.78 22.92 -24.51
N MET C 13 14.86 36.64 -7.58
CA MET C 13 13.66 36.08 -6.96
C MET C 13 13.98 35.01 -5.93
N ARG C 14 13.65 35.31 -4.67
CA ARG C 14 13.95 34.46 -3.54
C ARG C 14 12.63 33.92 -2.99
N SER C 15 12.16 32.82 -3.57
CA SER C 15 11.06 32.08 -2.98
C SER C 15 11.53 31.00 -2.03
N ALA C 16 12.83 30.69 -2.05
CA ALA C 16 13.36 29.62 -1.22
C ALA C 16 13.40 29.98 0.27
N VAL C 17 13.24 31.27 0.59
CA VAL C 17 13.13 31.68 1.99
C VAL C 17 11.86 31.09 2.60
N THR C 18 10.79 31.04 1.81
CA THR C 18 9.52 30.51 2.29
C THR C 18 9.60 29.03 2.60
N VAL C 19 10.41 28.28 1.85
CA VAL C 19 10.58 26.86 2.15
C VAL C 19 11.40 26.68 3.42
N LEU C 20 12.48 27.45 3.54
CA LEU C 20 13.41 27.25 4.65
C LEU C 20 12.83 27.73 5.96
N MET C 21 11.89 28.68 5.94
CA MET C 21 11.24 29.09 7.17
C MET C 21 10.27 28.02 7.67
N GLU C 22 9.75 27.18 6.77
CA GLU C 22 8.85 26.12 7.19
C GLU C 22 9.60 25.05 7.97
N HIS C 23 10.86 24.80 7.61
CA HIS C 23 11.65 23.83 8.34
C HIS C 23 12.11 24.38 9.69
N ILE C 24 12.17 25.70 9.84
CA ILE C 24 12.50 26.28 11.13
C ILE C 24 11.30 26.16 12.08
N ARG C 25 10.11 26.42 11.57
CA ARG C 25 8.91 26.37 12.41
C ARG C 25 8.50 24.95 12.78
N ASN C 26 9.10 23.93 12.19
CA ASN C 26 8.64 22.56 12.38
C ASN C 26 9.80 21.63 12.71
N LEU C 27 10.80 22.12 13.43
CA LEU C 27 11.96 21.29 13.71
C LEU C 27 11.63 20.23 14.76
N TYR C 28 10.65 20.50 15.61
CA TYR C 28 10.17 19.42 16.47
C TYR C 28 9.28 18.46 15.70
N LEU C 29 8.56 18.97 14.70
CA LEU C 29 7.73 18.13 13.86
C LEU C 29 8.59 17.18 13.04
N ILE C 30 9.71 17.67 12.53
CA ILE C 30 10.54 16.86 11.64
C ILE C 30 11.31 15.81 12.43
N ARG C 31 11.43 15.95 13.75
CA ARG C 31 12.12 14.97 14.56
C ARG C 31 11.18 13.96 15.19
N ARG C 32 10.02 14.41 15.63
CA ARG C 32 9.15 13.54 16.42
C ARG C 32 8.49 12.48 15.56
N LEU C 33 8.03 12.85 14.36
CA LEU C 33 7.54 11.84 13.44
C LEU C 33 8.59 11.37 12.46
N SER C 34 9.86 11.68 12.71
CA SER C 34 10.91 11.02 11.95
C SER C 34 10.99 9.55 12.32
N LEU C 35 11.19 9.27 13.60
CA LEU C 35 11.43 7.91 14.08
C LEU C 35 10.18 7.06 14.12
N PHE C 36 9.02 7.59 13.71
CA PHE C 36 7.82 6.74 13.67
C PHE C 36 7.88 5.76 12.51
N GLU C 37 8.33 6.20 11.34
CA GLU C 37 8.54 5.27 10.24
C GLU C 37 9.68 4.32 10.51
N LEU C 38 10.69 4.80 11.24
CA LEU C 38 11.71 3.90 11.78
C LEU C 38 11.09 2.88 12.70
N LYS C 39 10.13 3.31 13.52
CA LYS C 39 9.39 2.36 14.33
C LYS C 39 8.42 1.54 13.49
N SER C 40 7.94 2.10 12.39
CA SER C 40 6.92 1.43 11.60
C SER C 40 7.51 0.31 10.75
N ASP C 41 8.66 0.53 10.12
CA ASP C 41 9.20 -0.44 9.19
C ASP C 41 10.23 -1.36 9.82
N ASN C 42 11.23 -0.80 10.50
CA ASN C 42 12.26 -1.62 11.12
C ASN C 42 11.71 -2.44 12.28
N SER C 43 10.73 -1.91 13.00
CA SER C 43 10.12 -2.64 14.09
C SER C 43 8.64 -2.87 13.80
N ASN C 44 8.00 -3.63 14.69
CA ASN C 44 6.57 -3.95 14.66
C ASN C 44 6.16 -4.62 13.36
N GLN C 45 7.05 -5.37 12.77
CA GLN C 45 6.80 -6.08 11.53
C GLN C 45 7.15 -7.55 11.63
N TYR C 46 8.21 -7.89 12.33
CA TYR C 46 8.80 -9.22 12.24
C TYR C 46 9.43 -9.57 13.58
N LEU C 47 10.33 -10.56 13.55
CA LEU C 47 11.07 -11.02 14.72
C LEU C 47 12.20 -10.07 15.06
N GLY C 48 13.26 -10.59 15.69
CA GLY C 48 14.50 -9.89 16.00
C GLY C 48 14.97 -8.91 14.95
N ILE C 49 15.30 -7.70 15.41
CA ILE C 49 15.23 -6.50 14.59
C ILE C 49 16.63 -6.02 14.25
N LEU C 50 16.67 -4.91 13.51
CA LEU C 50 17.90 -4.28 13.03
C LEU C 50 18.67 -5.24 12.12
N TRP C 51 17.99 -5.65 11.05
CA TRP C 51 18.65 -6.23 9.90
C TRP C 51 19.55 -5.24 9.19
N GLU C 52 19.31 -3.95 9.39
CA GLU C 52 19.95 -2.89 8.64
C GLU C 52 21.41 -2.65 9.01
N ILE C 53 21.99 -3.44 9.91
CA ILE C 53 23.41 -3.68 9.91
C ILE C 53 23.74 -5.12 9.53
N ILE C 54 22.82 -6.06 9.76
CA ILE C 54 23.05 -7.45 9.36
C ILE C 54 23.00 -7.57 7.84
N ASN C 55 22.09 -6.85 7.21
CA ASN C 55 21.97 -6.92 5.75
C ASN C 55 23.14 -6.28 5.01
N PRO C 56 23.62 -5.05 5.35
CA PRO C 56 24.75 -4.52 4.57
C PRO C 56 26.07 -5.21 4.85
N MET C 57 26.29 -5.75 6.05
CA MET C 57 27.56 -6.43 6.32
C MET C 57 27.71 -7.70 5.52
N ILE C 58 26.60 -8.40 5.25
CA ILE C 58 26.64 -9.45 4.24
C ILE C 58 26.87 -8.84 2.86
N GLN C 59 26.23 -7.71 2.61
CA GLN C 59 26.23 -7.08 1.30
C GLN C 59 27.55 -6.40 0.98
N ILE C 60 28.34 -6.05 2.00
CA ILE C 60 29.66 -5.49 1.76
C ILE C 60 30.61 -6.58 1.25
N ALA C 61 30.64 -7.72 1.94
CA ALA C 61 31.63 -8.75 1.68
C ALA C 61 31.47 -9.39 0.31
N ILE C 62 30.28 -9.30 -0.28
CA ILE C 62 30.11 -9.74 -1.66
C ILE C 62 30.90 -8.86 -2.61
N TYR C 63 30.81 -7.54 -2.43
CA TYR C 63 31.54 -6.64 -3.31
C TYR C 63 33.03 -6.67 -3.06
N TRP C 64 33.47 -7.04 -1.86
CA TRP C 64 34.90 -7.21 -1.68
C TRP C 64 35.42 -8.47 -2.34
N PHE C 65 34.64 -9.55 -2.27
CA PHE C 65 35.10 -10.86 -2.74
C PHE C 65 35.32 -10.88 -4.25
N VAL C 66 34.63 -10.01 -4.99
CA VAL C 66 34.80 -10.00 -6.44
C VAL C 66 35.77 -8.91 -6.87
N PHE C 67 35.93 -7.88 -6.04
CA PHE C 67 36.75 -6.74 -6.43
C PHE C 67 38.07 -6.67 -5.68
N GLY C 68 38.12 -7.20 -4.47
CA GLY C 68 39.41 -7.44 -3.84
C GLY C 68 40.18 -8.54 -4.52
N TYR C 69 39.46 -9.49 -5.14
CA TYR C 69 40.12 -10.46 -5.99
C TYR C 69 40.14 -10.02 -7.46
N GLY C 70 40.51 -8.76 -7.66
CA GLY C 70 41.15 -8.32 -8.88
C GLY C 70 42.22 -7.33 -8.50
N ILE C 71 42.16 -6.91 -7.24
CA ILE C 71 43.05 -5.92 -6.63
C ILE C 71 43.64 -6.59 -5.39
N ARG C 72 44.03 -7.86 -5.53
CA ARG C 72 44.72 -8.57 -4.45
C ARG C 72 45.98 -7.85 -3.98
N GLY C 73 46.89 -7.53 -4.89
CA GLY C 73 47.89 -6.52 -4.62
C GLY C 73 47.35 -5.15 -5.02
N ARG C 74 48.24 -4.26 -5.45
CA ARG C 74 47.90 -3.07 -6.25
C ARG C 74 46.93 -2.15 -5.49
N HIS C 75 47.02 -2.18 -4.16
CA HIS C 75 46.10 -1.45 -3.31
C HIS C 75 46.52 0.03 -3.28
N PRO C 76 45.69 0.95 -2.73
CA PRO C 76 46.14 2.34 -2.60
C PRO C 76 47.39 2.51 -1.75
N VAL C 77 48.21 3.48 -2.15
CA VAL C 77 49.65 3.45 -1.94
C VAL C 77 50.05 3.72 -0.50
N GLY C 78 49.08 4.04 0.36
CA GLY C 78 49.32 4.01 1.78
C GLY C 78 49.60 2.61 2.27
N HIS C 79 50.09 2.48 3.50
CA HIS C 79 50.36 1.16 4.04
C HIS C 79 49.10 0.42 4.44
N ILE C 80 48.07 1.12 4.92
CA ILE C 80 46.82 0.50 5.34
C ILE C 80 45.80 0.12 4.26
N PRO C 81 45.50 0.93 3.14
CA PRO C 81 44.25 0.70 2.41
C PRO C 81 44.07 -0.64 1.73
N PHE C 82 42.89 -1.21 1.99
CA PHE C 82 42.52 -2.59 1.73
C PHE C 82 41.00 -2.57 1.65
N ILE C 83 40.33 -3.61 2.14
CA ILE C 83 38.97 -3.49 2.68
C ILE C 83 38.80 -2.22 3.51
N LEU C 84 39.79 -1.88 4.33
CA LEU C 84 39.87 -0.63 5.07
C LEU C 84 39.58 0.61 4.21
N TRP C 85 40.10 0.62 2.99
CA TRP C 85 39.75 1.69 2.05
C TRP C 85 38.31 1.60 1.61
N MET C 86 37.77 0.39 1.55
CA MET C 86 36.49 0.15 0.90
C MET C 86 35.32 0.45 1.82
N LEU C 87 35.24 -0.23 2.96
CA LEU C 87 34.10 -0.05 3.84
C LEU C 87 34.06 1.30 4.51
N ALA C 88 35.18 2.03 4.55
CA ALA C 88 35.13 3.41 4.97
C ALA C 88 34.38 4.27 3.97
N GLY C 89 34.37 3.87 2.71
CA GLY C 89 33.61 4.58 1.69
C GLY C 89 32.19 4.09 1.56
N MET C 90 31.99 2.78 1.74
CA MET C 90 30.68 2.17 1.50
C MET C 90 29.64 2.53 2.53
N THR C 91 30.00 3.27 3.58
CA THR C 91 29.01 3.81 4.50
C THR C 91 28.09 4.80 3.81
N VAL C 92 28.63 5.55 2.83
CA VAL C 92 27.87 6.63 2.21
C VAL C 92 26.82 6.08 1.27
N TRP C 93 27.15 5.02 0.53
CA TRP C 93 26.26 4.56 -0.52
C TRP C 93 25.01 3.89 0.04
N PHE C 94 25.11 3.34 1.25
CA PHE C 94 23.93 2.74 1.88
C PHE C 94 22.89 3.77 2.27
N PHE C 95 23.32 5.01 2.45
CA PHE C 95 22.44 6.15 2.68
C PHE C 95 22.10 6.85 1.36
N VAL C 96 22.32 6.20 0.23
CA VAL C 96 21.95 6.73 -1.08
C VAL C 96 20.99 5.80 -1.80
N ASN C 97 21.30 4.50 -1.83
CA ASN C 97 20.53 3.56 -2.64
C ASN C 97 19.11 3.37 -2.13
N GLN C 98 18.93 3.41 -0.81
CA GLN C 98 17.61 3.25 -0.23
C GLN C 98 17.21 4.51 0.54
N ALA C 99 17.77 5.64 0.14
CA ALA C 99 17.34 6.91 0.67
C ALA C 99 17.05 7.94 -0.40
N VAL C 100 17.48 7.73 -1.63
CA VAL C 100 17.03 8.58 -2.72
C VAL C 100 15.75 8.02 -3.34
N LEU C 101 15.63 6.69 -3.40
CA LEU C 101 14.47 6.09 -4.02
C LEU C 101 13.22 6.27 -3.18
N GLN C 102 13.28 5.92 -1.90
CA GLN C 102 12.09 6.04 -1.06
C GLN C 102 11.78 7.48 -0.72
N ALA C 103 12.73 8.39 -0.86
CA ALA C 103 12.38 9.80 -0.73
C ALA C 103 11.58 10.27 -1.93
N SER C 104 11.85 9.71 -3.10
CA SER C 104 11.15 10.14 -4.31
C SER C 104 9.71 9.68 -4.30
N LYS C 105 9.46 8.43 -3.94
CA LYS C 105 8.11 7.90 -3.90
C LYS C 105 7.38 8.21 -2.60
N SER C 106 7.89 9.15 -1.81
CA SER C 106 7.22 9.50 -0.56
C SER C 106 6.00 10.37 -0.78
N VAL C 107 5.84 10.95 -1.96
CA VAL C 107 4.74 11.84 -2.24
C VAL C 107 3.77 11.22 -3.27
N TYR C 108 4.16 10.14 -3.94
CA TYR C 108 3.19 9.30 -4.65
C TYR C 108 2.14 8.78 -3.70
N THR C 109 2.58 8.03 -2.71
CA THR C 109 1.71 7.60 -1.65
C THR C 109 1.39 8.78 -0.72
N ARG C 110 0.47 8.52 0.19
CA ARG C 110 0.15 9.28 1.40
C ARG C 110 -0.27 10.74 1.20
N ILE C 111 -0.46 11.22 -0.03
CA ILE C 111 -0.97 12.60 -0.14
C ILE C 111 -2.44 12.65 0.18
N ARG C 112 -3.15 11.55 -0.05
CA ARG C 112 -4.58 11.51 0.33
C ARG C 112 -4.66 11.65 1.85
N MET C 113 -3.69 11.07 2.57
CA MET C 113 -3.68 11.11 4.02
C MET C 113 -2.86 12.27 4.56
N VAL C 114 -2.45 13.20 3.71
CA VAL C 114 -1.74 14.40 4.13
C VAL C 114 -2.49 15.66 3.74
N ALA C 115 -3.04 15.71 2.52
CA ALA C 115 -3.74 16.89 2.05
C ALA C 115 -5.02 17.16 2.85
N GLN C 116 -5.56 16.15 3.51
CA GLN C 116 -6.66 16.35 4.43
C GLN C 116 -6.23 16.87 5.81
N MET C 117 -4.99 17.33 5.95
CA MET C 117 -4.51 18.01 7.13
C MET C 117 -4.03 19.41 6.75
N ASN C 118 -3.44 20.11 7.70
CA ASN C 118 -2.93 21.46 7.49
C ASN C 118 -1.54 21.60 8.11
N PHE C 119 -0.53 21.27 7.31
CA PHE C 119 0.87 21.47 7.65
C PHE C 119 1.63 21.47 6.33
N PRO C 120 2.76 22.18 6.22
CA PRO C 120 3.38 22.34 4.90
C PRO C 120 3.94 21.05 4.35
N ILE C 121 3.67 20.81 3.06
CA ILE C 121 4.02 19.56 2.41
C ILE C 121 5.48 19.52 2.01
N SER C 122 6.19 20.62 2.14
CA SER C 122 7.62 20.63 1.82
C SER C 122 8.43 19.80 2.81
N VAL C 123 7.91 19.60 4.01
CA VAL C 123 8.63 18.83 5.01
C VAL C 123 8.46 17.34 4.76
N ILE C 124 7.49 16.96 3.93
CA ILE C 124 7.07 15.57 3.78
C ILE C 124 8.13 14.67 3.12
N PRO C 125 9.11 15.13 2.28
CA PRO C 125 10.19 14.19 1.96
C PRO C 125 11.39 14.36 2.86
N THR C 126 11.38 15.36 3.72
CA THR C 126 12.60 15.69 4.44
C THR C 126 12.77 14.86 5.69
N TYR C 127 11.69 14.38 6.30
CA TYR C 127 11.86 13.59 7.50
C TYR C 127 12.15 12.14 7.20
N VAL C 128 11.64 11.63 6.07
CA VAL C 128 11.90 10.24 5.70
C VAL C 128 13.36 10.06 5.31
N ILE C 129 14.04 11.13 4.91
CA ILE C 129 15.49 11.06 4.75
C ILE C 129 16.16 10.95 6.12
N THR C 130 15.73 11.80 7.06
CA THR C 130 16.29 11.73 8.40
C THR C 130 15.88 10.48 9.13
N ALA C 131 14.76 9.86 8.73
CA ALA C 131 14.44 8.53 9.23
C ALA C 131 15.46 7.51 8.76
N LYS C 132 16.03 7.73 7.59
CA LYS C 132 17.15 6.91 7.15
C LYS C 132 18.49 7.48 7.61
N PHE C 133 18.50 8.61 8.31
CA PHE C 133 19.77 9.08 8.83
C PHE C 133 20.22 8.27 10.03
N TYR C 134 19.29 7.74 10.80
CA TYR C 134 19.65 6.90 11.93
C TYR C 134 20.16 5.53 11.49
N GLN C 135 20.13 5.23 10.19
CA GLN C 135 20.85 4.08 9.67
C GLN C 135 22.35 4.24 9.85
N HIS C 136 22.86 5.46 9.66
CA HIS C 136 24.26 5.75 9.95
C HIS C 136 24.60 5.48 11.40
N LEU C 137 23.83 6.04 12.31
CA LEU C 137 24.17 6.01 13.73
C LEU C 137 23.99 4.64 14.36
N MET C 138 23.66 3.61 13.58
CA MET C 138 23.92 2.23 13.92
C MET C 138 24.98 1.59 13.04
N LEU C 139 25.07 1.98 11.76
CA LEU C 139 26.09 1.39 10.88
C LEU C 139 27.43 2.11 11.03
N LEU C 140 27.44 3.44 10.93
CA LEU C 140 28.66 4.18 11.14
C LEU C 140 29.09 4.13 12.60
N ALA C 141 28.15 3.87 13.51
CA ALA C 141 28.51 3.55 14.88
C ALA C 141 29.36 2.29 14.93
N VAL C 142 28.89 1.21 14.30
CA VAL C 142 29.72 0.02 14.26
C VAL C 142 30.58 0.12 13.01
N ILE C 143 31.58 0.99 13.05
CA ILE C 143 32.72 0.90 12.18
C ILE C 143 33.92 1.26 13.05
N PHE C 144 33.64 1.88 14.19
CA PHE C 144 34.70 2.20 15.13
C PHE C 144 35.18 0.95 15.82
N ILE C 145 34.25 0.03 16.10
CA ILE C 145 34.59 -1.26 16.66
C ILE C 145 35.50 -2.04 15.72
N ILE C 146 35.29 -1.87 14.42
CA ILE C 146 36.26 -2.37 13.46
C ILE C 146 37.53 -1.51 13.52
N PHE C 147 37.38 -0.19 13.55
CA PHE C 147 38.54 0.68 13.46
C PHE C 147 39.27 0.86 14.79
N GLN C 148 38.91 0.13 15.84
CA GLN C 148 39.78 0.03 16.99
C GLN C 148 40.77 -1.14 16.88
N PHE C 149 40.83 -1.77 15.71
CA PHE C 149 41.81 -2.82 15.44
C PHE C 149 42.80 -2.40 14.35
N THR C 150 42.84 -1.12 14.03
CA THR C 150 43.79 -0.56 13.07
C THR C 150 45.16 -0.40 13.75
N PRO C 151 46.23 -0.03 13.01
CA PRO C 151 47.46 0.36 13.72
C PRO C 151 47.30 1.57 14.62
N TYR C 152 46.62 2.61 14.16
CA TYR C 152 46.14 3.62 15.09
C TYR C 152 45.00 3.03 15.91
N HIS C 153 44.81 3.56 17.11
CA HIS C 153 43.71 3.03 17.91
C HIS C 153 42.38 3.67 17.50
N VAL C 154 42.27 4.99 17.60
CA VAL C 154 41.11 5.70 17.04
C VAL C 154 41.48 6.88 16.16
N SER C 155 42.72 7.39 16.26
CA SER C 155 43.15 8.68 15.72
C SER C 155 42.21 9.80 16.18
N VAL C 156 42.21 10.02 17.49
CA VAL C 156 41.39 11.05 18.12
C VAL C 156 41.82 12.45 17.68
N TYR C 157 43.06 12.60 17.23
CA TYR C 157 43.54 13.88 16.75
C TYR C 157 42.90 14.29 15.43
N LEU C 158 42.33 13.35 14.69
CA LEU C 158 41.48 13.69 13.56
C LEU C 158 40.48 12.56 13.32
N VAL C 159 39.25 12.75 13.80
CA VAL C 159 38.08 12.04 13.30
C VAL C 159 37.01 13.09 13.07
N GLN C 160 37.43 14.33 12.87
CA GLN C 160 36.51 15.47 12.84
C GLN C 160 35.75 15.45 11.53
N LEU C 161 34.61 14.77 11.54
CA LEU C 161 33.69 14.84 10.40
C LEU C 161 32.23 15.23 10.66
N PRO C 162 31.88 16.25 11.48
CA PRO C 162 30.46 16.61 11.53
C PRO C 162 30.11 17.43 10.32
N TYR C 163 31.10 18.19 9.85
CA TYR C 163 30.92 19.02 8.66
C TYR C 163 30.73 18.16 7.43
N TYR C 164 31.53 17.10 7.30
CA TYR C 164 31.36 16.21 6.16
C TYR C 164 30.16 15.31 6.32
N MET C 165 29.69 15.11 7.54
CA MET C 165 28.41 14.43 7.73
C MET C 165 27.26 15.34 7.33
N PHE C 166 27.38 16.64 7.61
CA PHE C 166 26.33 17.58 7.30
C PHE C 166 26.16 17.80 5.81
N GLY C 167 27.17 17.47 5.00
CA GLY C 167 27.00 17.52 3.56
C GLY C 167 25.99 16.53 3.04
N LEU C 168 26.00 15.30 3.59
CA LEU C 168 25.04 14.29 3.15
C LEU C 168 23.62 14.66 3.50
N LEU C 169 23.42 15.32 4.64
CA LEU C 169 22.11 15.86 4.94
C LEU C 169 21.74 16.96 3.95
N ALA C 170 22.65 17.92 3.77
CA ALA C 170 22.35 19.10 2.96
C ALA C 170 22.17 18.75 1.49
N LEU C 171 22.89 17.74 1.00
CA LEU C 171 22.72 17.37 -0.40
C LEU C 171 21.40 16.66 -0.61
N LEU C 172 21.07 15.71 0.26
CA LEU C 172 19.90 14.88 0.03
C LEU C 172 18.61 15.58 0.42
N VAL C 173 18.63 16.46 1.41
CA VAL C 173 17.42 17.21 1.75
C VAL C 173 17.13 18.26 0.68
N SER C 174 18.13 18.61 -0.13
CA SER C 174 17.92 19.51 -1.25
C SER C 174 17.54 18.77 -2.52
N PHE C 175 18.24 17.67 -2.80
CA PHE C 175 17.99 16.93 -4.04
C PHE C 175 16.64 16.23 -4.04
N SER C 176 16.08 15.97 -2.87
CA SER C 176 14.76 15.34 -2.80
C SER C 176 13.65 16.39 -2.74
N LEU C 177 13.75 17.36 -3.60
CA LEU C 177 12.67 18.26 -3.98
C LEU C 177 12.51 18.29 -5.48
N ILE C 178 13.62 18.20 -6.23
CA ILE C 178 13.55 18.06 -7.67
C ILE C 178 13.05 16.66 -8.02
N THR C 179 13.28 15.69 -7.14
CA THR C 179 12.85 14.32 -7.39
C THR C 179 11.66 13.92 -6.54
N SER C 180 11.02 14.87 -5.87
CA SER C 180 9.80 14.56 -5.13
C SER C 180 8.62 15.36 -5.66
N THR C 181 8.80 16.68 -5.82
CA THR C 181 7.75 17.50 -6.40
C THR C 181 7.54 17.16 -7.86
N LEU C 182 8.63 17.14 -8.63
CA LEU C 182 8.55 16.79 -10.03
C LEU C 182 8.31 15.30 -10.24
N ALA C 183 8.42 14.49 -9.19
CA ALA C 183 8.03 13.09 -9.29
C ALA C 183 6.55 12.92 -9.53
N THR C 184 5.72 13.64 -8.76
CA THR C 184 4.30 13.39 -8.77
C THR C 184 3.62 13.87 -10.05
N VAL C 185 4.18 14.88 -10.69
CA VAL C 185 3.52 15.44 -11.87
C VAL C 185 3.72 14.57 -13.11
N VAL C 186 4.76 13.73 -13.15
CA VAL C 186 5.02 12.97 -14.37
C VAL C 186 5.01 11.47 -14.09
N ARG C 187 5.53 11.09 -12.92
CA ARG C 187 5.58 9.66 -12.50
C ARG C 187 6.54 8.89 -13.41
N ASP C 188 7.52 9.57 -14.00
CA ASP C 188 8.48 8.91 -14.87
C ASP C 188 9.91 9.08 -14.43
N VAL C 189 10.20 10.15 -13.68
CA VAL C 189 11.53 10.30 -13.11
C VAL C 189 11.76 9.31 -11.99
N GLN C 190 10.69 8.72 -11.46
CA GLN C 190 10.82 7.57 -10.58
C GLN C 190 11.51 6.41 -11.28
N MET C 191 11.17 6.19 -12.56
CA MET C 191 11.89 5.19 -13.32
C MET C 191 13.30 5.66 -13.67
N ILE C 192 13.49 6.97 -13.77
CA ILE C 192 14.80 7.51 -14.13
C ILE C 192 15.77 7.36 -12.96
N VAL C 193 15.38 7.84 -11.78
CA VAL C 193 16.25 7.74 -10.62
C VAL C 193 16.38 6.33 -10.11
N GLN C 194 15.52 5.41 -10.55
CA GLN C 194 15.71 4.00 -10.24
C GLN C 194 16.92 3.44 -10.98
N SER C 195 17.30 4.07 -12.08
CA SER C 195 18.55 3.75 -12.77
C SER C 195 19.64 4.75 -12.50
N LEU C 196 19.30 6.01 -12.22
CA LEU C 196 20.31 7.01 -11.93
C LEU C 196 20.96 6.78 -10.58
N VAL C 197 20.28 6.11 -9.66
CA VAL C 197 20.94 5.71 -8.43
C VAL C 197 21.85 4.52 -8.69
N ARG C 198 21.59 3.82 -9.79
CA ARG C 198 22.40 2.63 -10.16
C ARG C 198 23.72 3.10 -10.76
N ILE C 199 23.67 4.10 -11.63
CA ILE C 199 24.87 4.57 -12.30
C ILE C 199 25.80 5.28 -11.31
N LEU C 200 25.29 5.75 -10.18
CA LEU C 200 26.13 6.33 -9.14
C LEU C 200 26.63 5.28 -8.15
N LEU C 201 27.14 4.18 -8.69
CA LEU C 201 28.09 3.33 -8.00
C LEU C 201 29.40 3.30 -8.73
N TYR C 202 29.38 3.59 -10.02
CA TYR C 202 30.49 3.44 -10.91
C TYR C 202 30.92 4.75 -11.51
N LEU C 203 30.01 5.71 -11.65
CA LEU C 203 30.39 7.06 -12.01
C LEU C 203 31.21 7.70 -10.89
N THR C 204 30.92 7.37 -9.69
CA THR C 204 31.79 7.73 -8.61
C THR C 204 32.59 6.52 -8.13
N PRO C 205 33.84 6.73 -7.73
CA PRO C 205 34.69 5.58 -7.36
C PRO C 205 34.56 5.16 -5.89
N LEU C 206 33.51 4.39 -5.62
CA LEU C 206 33.43 3.67 -4.36
C LEU C 206 34.34 2.45 -4.35
N LEU C 207 34.82 2.02 -5.51
CA LEU C 207 35.47 0.72 -5.61
C LEU C 207 36.94 0.82 -5.97
N TRP C 208 37.28 1.48 -7.07
CA TRP C 208 38.65 1.42 -7.54
C TRP C 208 39.42 2.71 -7.19
N ASP C 209 40.65 2.78 -7.68
CA ASP C 209 41.45 3.99 -7.60
C ASP C 209 41.32 4.72 -8.92
N PRO C 210 40.84 5.97 -8.93
CA PRO C 210 40.72 6.71 -10.18
C PRO C 210 42.01 7.26 -10.73
N SER C 211 43.17 6.93 -10.16
CA SER C 211 44.44 7.37 -10.71
C SER C 211 44.97 6.40 -11.77
N HIS C 212 44.12 6.06 -12.73
CA HIS C 212 44.48 5.28 -13.90
C HIS C 212 44.25 6.08 -15.17
N LEU C 213 44.43 7.40 -15.08
CA LEU C 213 43.85 8.30 -16.05
C LEU C 213 44.53 9.66 -15.93
N PRO C 214 44.71 10.40 -17.02
CA PRO C 214 45.34 11.72 -16.92
C PRO C 214 44.37 12.74 -16.34
N HIS C 215 44.91 13.93 -16.08
CA HIS C 215 44.23 15.02 -15.36
C HIS C 215 43.09 15.64 -16.13
N LEU C 216 42.60 15.14 -17.26
CA LEU C 216 41.38 15.71 -17.83
C LEU C 216 40.16 14.91 -17.40
N VAL C 217 40.13 13.62 -17.76
CA VAL C 217 38.96 12.81 -17.47
C VAL C 217 38.91 12.45 -15.99
N GLN C 218 40.07 12.42 -15.33
CA GLN C 218 40.09 12.22 -13.89
C GLN C 218 39.52 13.42 -13.16
N VAL C 219 39.94 14.62 -13.55
CA VAL C 219 39.41 15.83 -12.93
C VAL C 219 37.96 16.03 -13.35
N ILE C 220 37.61 15.73 -14.60
CA ILE C 220 36.19 15.75 -14.93
C ILE C 220 35.65 14.36 -14.63
N MET C 221 35.59 14.05 -13.35
CA MET C 221 34.75 13.00 -12.79
C MET C 221 34.16 13.43 -11.45
N ARG C 222 34.81 14.38 -10.77
CA ARG C 222 34.38 14.91 -9.49
C ARG C 222 33.40 16.06 -9.64
N LEU C 223 32.83 16.24 -10.84
CA LEU C 223 31.70 17.15 -10.99
C LEU C 223 30.49 16.64 -10.23
N ASN C 224 30.35 15.31 -10.15
CA ASN C 224 29.52 14.65 -9.16
C ASN C 224 29.92 15.13 -7.77
N PRO C 225 29.02 15.76 -7.02
CA PRO C 225 29.39 16.21 -5.68
C PRO C 225 29.50 15.08 -4.69
N LEU C 226 28.97 13.90 -5.03
CA LEU C 226 28.97 12.78 -4.09
C LEU C 226 30.37 12.26 -3.83
N TYR C 227 31.27 12.38 -4.81
CA TYR C 227 32.65 11.96 -4.63
C TYR C 227 33.40 12.81 -3.62
N TYR C 228 32.94 14.04 -3.38
CA TYR C 228 33.59 14.88 -2.38
C TYR C 228 33.38 14.32 -0.97
N ILE C 229 32.19 13.82 -0.67
CA ILE C 229 31.91 13.34 0.68
C ILE C 229 32.63 12.02 0.93
N VAL C 230 32.79 11.22 -0.12
CA VAL C 230 33.54 9.98 -0.02
C VAL C 230 35.00 10.28 0.30
N GLU C 231 35.54 11.37 -0.22
CA GLU C 231 36.84 11.85 0.21
C GLU C 231 36.83 12.33 1.66
N GLY C 232 35.67 12.70 2.20
CA GLY C 232 35.61 13.05 3.60
C GLY C 232 35.73 11.83 4.49
N TYR C 233 34.88 10.83 4.26
CA TYR C 233 34.88 9.64 5.11
C TYR C 233 36.11 8.76 4.91
N ARG C 234 36.74 8.82 3.75
CA ARG C 234 38.03 8.16 3.62
C ARG C 234 39.13 8.94 4.31
N SER C 235 38.93 10.23 4.55
CA SER C 235 39.84 11.00 5.37
C SER C 235 39.51 10.93 6.85
N ALA C 236 38.66 9.99 7.25
CA ALA C 236 38.48 9.67 8.66
C ALA C 236 39.57 8.78 9.20
N LEU C 237 40.59 8.49 8.40
CA LEU C 237 41.71 7.67 8.82
C LEU C 237 43.05 8.21 8.31
N LEU C 238 43.06 9.39 7.69
CA LEU C 238 44.27 9.89 7.05
C LEU C 238 45.10 10.72 8.02
N GLY C 239 44.52 11.81 8.52
CA GLY C 239 45.26 12.78 9.32
C GLY C 239 45.30 14.16 8.71
N THR C 240 44.64 14.40 7.57
CA THR C 240 44.59 15.71 6.94
C THR C 240 43.65 16.64 7.70
N SER C 241 44.17 17.19 8.80
CA SER C 241 43.37 18.01 9.71
C SER C 241 42.99 19.37 9.14
N TRP C 242 43.47 19.73 7.96
CA TRP C 242 43.03 20.92 7.25
C TRP C 242 42.58 20.56 5.85
N TYR C 243 41.73 19.53 5.74
CA TYR C 243 41.21 19.14 4.43
C TYR C 243 40.12 20.10 3.96
N LEU C 244 40.50 21.35 3.74
CA LEU C 244 39.77 22.24 2.85
C LEU C 244 40.76 22.77 1.82
N VAL C 245 41.92 23.25 2.28
CA VAL C 245 42.77 24.11 1.47
C VAL C 245 43.51 23.33 0.39
N ASP C 246 43.68 22.02 0.56
CA ASP C 246 44.27 21.23 -0.51
C ASP C 246 43.31 20.99 -1.66
N HIS C 247 42.02 21.18 -1.44
CA HIS C 247 41.02 21.04 -2.50
C HIS C 247 39.99 22.15 -2.40
N ALA C 248 40.44 23.36 -2.08
CA ALA C 248 39.53 24.49 -1.92
C ALA C 248 39.01 25.02 -3.25
N SER C 249 39.60 24.61 -4.36
CA SER C 249 39.11 25.05 -5.66
C SER C 249 37.77 24.43 -6.01
N TYR C 250 37.40 23.30 -5.39
CA TYR C 250 36.09 22.74 -5.66
C TYR C 250 35.34 22.30 -4.41
N THR C 251 35.80 22.63 -3.20
CA THR C 251 34.90 22.50 -2.08
C THR C 251 33.91 23.65 -2.04
N VAL C 252 34.19 24.74 -2.73
CA VAL C 252 33.17 25.75 -2.96
C VAL C 252 32.30 25.37 -4.14
N TYR C 253 32.76 24.46 -4.99
CA TYR C 253 31.87 23.88 -5.99
C TYR C 253 30.81 23.02 -5.32
N PHE C 254 31.15 22.37 -4.21
CA PHE C 254 30.16 21.59 -3.49
C PHE C 254 29.10 22.47 -2.85
N TRP C 255 29.51 23.59 -2.27
CA TRP C 255 28.52 24.42 -1.60
C TRP C 255 27.80 25.36 -2.54
N VAL C 256 28.09 25.32 -3.84
CA VAL C 256 27.29 26.05 -4.81
C VAL C 256 26.36 25.12 -5.59
N VAL C 257 26.66 23.83 -5.69
CA VAL C 257 25.68 22.94 -6.31
C VAL C 257 24.58 22.58 -5.36
N VAL C 258 24.80 22.70 -4.05
CA VAL C 258 23.71 22.44 -3.13
C VAL C 258 22.79 23.65 -3.05
N ILE C 259 23.32 24.87 -3.20
CA ILE C 259 22.47 26.03 -3.18
C ILE C 259 21.77 26.20 -4.53
N LEU C 260 22.32 25.61 -5.59
CA LEU C 260 21.63 25.65 -6.88
C LEU C 260 20.47 24.66 -6.88
N PHE C 261 20.68 23.48 -6.30
CA PHE C 261 19.61 22.51 -6.18
C PHE C 261 18.52 22.99 -5.24
N PHE C 262 18.89 23.73 -4.20
CA PHE C 262 17.90 24.14 -3.22
C PHE C 262 17.03 25.28 -3.73
N VAL C 263 17.61 26.16 -4.54
CA VAL C 263 16.83 27.25 -5.11
C VAL C 263 15.95 26.72 -6.24
N PHE C 264 16.52 25.90 -7.11
CA PHE C 264 15.73 25.33 -8.20
C PHE C 264 14.71 24.31 -7.69
N GLY C 265 15.02 23.64 -6.58
CA GLY C 265 14.05 22.75 -5.98
C GLY C 265 12.90 23.51 -5.34
N SER C 266 13.17 24.70 -4.81
CA SER C 266 12.08 25.50 -4.26
C SER C 266 11.22 26.08 -5.36
N MET C 267 11.83 26.47 -6.48
CA MET C 267 11.09 27.09 -7.57
C MET C 267 10.14 26.09 -8.22
N VAL C 268 10.59 24.85 -8.38
CA VAL C 268 9.70 23.84 -8.95
C VAL C 268 8.66 23.39 -7.94
N HIS C 269 8.90 23.62 -6.64
CA HIS C 269 7.89 23.24 -5.66
C HIS C 269 6.72 24.21 -5.67
N LEU C 270 7.00 25.50 -5.49
CA LEU C 270 5.93 26.48 -5.31
C LEU C 270 5.15 26.75 -6.59
N LYS C 271 5.71 26.44 -7.75
CA LYS C 271 4.93 26.54 -8.98
C LYS C 271 4.00 25.36 -9.20
N PHE C 272 4.02 24.38 -8.30
CA PHE C 272 3.15 23.22 -8.40
C PHE C 272 2.53 22.82 -7.08
N ARG C 273 2.74 23.59 -6.00
CA ARG C 273 2.46 23.14 -4.64
C ARG C 273 0.99 22.84 -4.41
N ALA C 274 0.11 23.65 -4.99
CA ALA C 274 -1.32 23.49 -4.82
C ALA C 274 -1.97 22.80 -6.00
N HIS C 275 -1.27 21.87 -6.64
CA HIS C 275 -1.87 21.25 -7.82
C HIS C 275 -1.78 19.73 -7.81
N PHE C 276 -0.80 19.15 -7.12
CA PHE C 276 -0.69 17.69 -7.15
C PHE C 276 -1.71 17.08 -6.18
N VAL C 277 -2.95 17.07 -6.64
CA VAL C 277 -4.01 16.30 -5.99
C VAL C 277 -4.70 15.35 -6.94
N ASP C 278 -4.60 15.56 -8.24
CA ASP C 278 -5.07 14.62 -9.26
C ASP C 278 -3.93 13.77 -9.81
N TYR C 279 -2.99 13.41 -8.95
CA TYR C 279 -1.89 12.56 -9.36
C TYR C 279 -1.64 11.49 -8.30
N MET D 13 4.56 -39.99 0.92
CA MET D 13 3.47 -39.03 1.07
C MET D 13 3.41 -38.01 -0.04
N ARG D 14 2.34 -38.07 -0.82
CA ARG D 14 2.16 -37.22 -2.00
C ARG D 14 1.01 -36.27 -1.72
N SER D 15 1.33 -35.15 -1.09
CA SER D 15 0.39 -34.05 -0.98
C SER D 15 0.49 -33.07 -2.13
N ALA D 16 1.58 -33.15 -2.91
CA ALA D 16 1.82 -32.22 -4.00
C ALA D 16 0.86 -32.43 -5.16
N VAL D 17 0.16 -33.56 -5.22
CA VAL D 17 -0.86 -33.77 -6.23
C VAL D 17 -2.00 -32.77 -6.03
N THR D 18 -2.33 -32.48 -4.77
CA THR D 18 -3.40 -31.55 -4.46
C THR D 18 -3.07 -30.13 -4.90
N VAL D 19 -1.80 -29.74 -4.85
CA VAL D 19 -1.42 -28.42 -5.33
C VAL D 19 -1.49 -28.37 -6.85
N LEU D 20 -0.99 -29.41 -7.52
CA LEU D 20 -0.87 -29.38 -8.96
C LEU D 20 -2.23 -29.52 -9.63
N MET D 21 -3.19 -30.15 -8.97
CA MET D 21 -4.55 -30.21 -9.52
C MET D 21 -5.24 -28.85 -9.47
N GLU D 22 -4.85 -28.01 -8.52
CA GLU D 22 -5.45 -26.68 -8.44
C GLU D 22 -5.02 -25.81 -9.60
N HIS D 23 -3.79 -25.98 -10.08
CA HIS D 23 -3.33 -25.23 -11.23
C HIS D 23 -3.94 -25.74 -12.53
N ILE D 24 -4.39 -27.00 -12.55
CA ILE D 24 -5.07 -27.50 -13.72
C ILE D 24 -6.48 -26.95 -13.80
N ARG D 25 -7.17 -26.88 -12.66
CA ARG D 25 -8.54 -26.39 -12.64
C ARG D 25 -8.65 -24.88 -12.84
N ASN D 26 -7.53 -24.15 -12.81
CA ASN D 26 -7.58 -22.70 -12.83
C ASN D 26 -6.62 -22.12 -13.87
N LEU D 27 -6.43 -22.83 -14.98
CA LEU D 27 -5.48 -22.36 -15.98
C LEU D 27 -6.02 -21.14 -16.73
N TYR D 28 -7.34 -21.00 -16.81
CA TYR D 28 -7.89 -19.76 -17.32
C TYR D 28 -7.81 -18.66 -16.27
N LEU D 29 -7.92 -19.03 -15.00
CA LEU D 29 -7.79 -18.07 -13.91
C LEU D 29 -6.39 -17.51 -13.86
N ILE D 30 -5.38 -18.36 -14.05
CA ILE D 30 -4.00 -17.94 -13.92
C ILE D 30 -3.56 -17.09 -15.10
N ARG D 31 -4.29 -17.12 -16.21
CA ARG D 31 -3.95 -16.32 -17.37
C ARG D 31 -4.73 -15.02 -17.42
N ARG D 32 -6.00 -15.04 -17.03
CA ARG D 32 -6.85 -13.88 -17.26
C ARG D 32 -6.52 -12.76 -16.27
N LEU D 33 -6.27 -13.10 -15.02
CA LEU D 33 -5.81 -12.09 -14.08
C LEU D 33 -4.30 -12.07 -13.96
N SER D 34 -3.57 -12.71 -14.87
CA SER D 34 -2.14 -12.47 -14.96
C SER D 34 -1.85 -11.06 -15.43
N LEU D 35 -2.38 -10.73 -16.61
CA LEU D 35 -2.06 -9.47 -17.26
C LEU D 35 -2.77 -8.27 -16.65
N PHE D 36 -3.56 -8.47 -15.58
CA PHE D 36 -4.18 -7.32 -14.94
C PHE D 36 -3.16 -6.53 -14.14
N GLU D 37 -2.27 -7.20 -13.41
CA GLU D 37 -1.18 -6.50 -12.74
C GLU D 37 -0.20 -5.91 -13.73
N LEU D 38 -0.01 -6.58 -14.86
CA LEU D 38 0.71 -6.00 -15.97
C LEU D 38 0.00 -4.74 -16.45
N LYS D 39 -1.32 -4.77 -16.50
CA LYS D 39 -2.07 -3.56 -16.81
C LYS D 39 -2.06 -2.58 -15.64
N SER D 40 -1.95 -3.09 -14.42
CA SER D 40 -2.04 -2.22 -13.26
C SER D 40 -0.77 -1.42 -13.03
N ASP D 41 0.40 -2.05 -13.17
CA ASP D 41 1.65 -1.39 -12.84
C ASP D 41 2.33 -0.76 -14.04
N ASN D 42 2.51 -1.51 -15.13
CA ASN D 42 3.17 -0.98 -16.31
C ASN D 42 2.32 0.08 -17.00
N SER D 43 1.01 -0.06 -16.95
CA SER D 43 0.12 0.94 -17.54
C SER D 43 -0.74 1.56 -16.45
N ASN D 44 -1.52 2.57 -16.87
CA ASN D 44 -2.48 3.30 -16.04
C ASN D 44 -1.83 3.92 -14.81
N GLN D 45 -0.57 4.30 -14.94
CA GLN D 45 0.17 4.93 -13.87
C GLN D 45 0.82 6.23 -14.28
N TYR D 46 1.31 6.31 -15.51
CA TYR D 46 2.21 7.38 -15.92
C TYR D 46 1.99 7.66 -17.39
N LEU D 47 2.98 8.32 -18.00
CA LEU D 47 3.01 8.67 -19.43
C LEU D 47 3.37 7.45 -20.26
N GLY D 48 3.95 7.71 -21.44
CA GLY D 48 4.49 6.70 -22.35
C GLY D 48 5.16 5.51 -21.70
N ILE D 49 4.77 4.33 -22.13
CA ILE D 49 4.84 3.11 -21.32
C ILE D 49 5.94 2.21 -21.81
N LEU D 50 6.08 1.06 -21.14
CA LEU D 50 7.10 0.05 -21.41
C LEU D 50 8.50 0.63 -21.23
N TRP D 51 8.74 1.12 -20.02
CA TRP D 51 10.08 1.35 -19.53
C TRP D 51 10.87 0.06 -19.39
N GLU D 52 10.19 -1.07 -19.28
CA GLU D 52 10.80 -2.34 -18.96
C GLU D 52 11.60 -2.96 -20.09
N ILE D 53 11.74 -2.29 -21.23
CA ILE D 53 12.89 -2.49 -22.09
C ILE D 53 13.80 -1.27 -22.11
N ILE D 54 13.26 -0.08 -21.86
CA ILE D 54 14.07 1.13 -21.80
C ILE D 54 14.96 1.11 -20.57
N ASN D 55 14.43 0.64 -19.44
CA ASN D 55 15.22 0.58 -18.21
C ASN D 55 16.33 -0.46 -18.25
N PRO D 56 16.13 -1.73 -18.68
CA PRO D 56 17.28 -2.64 -18.66
C PRO D 56 18.32 -2.37 -19.74
N MET D 57 17.94 -1.80 -20.89
CA MET D 57 18.94 -1.51 -21.91
C MET D 57 19.90 -0.42 -21.47
N ILE D 58 19.44 0.54 -20.68
CA ILE D 58 20.38 1.42 -19.99
C ILE D 58 21.17 0.63 -18.97
N GLN D 59 20.50 -0.28 -18.28
CA GLN D 59 21.09 -1.00 -17.16
C GLN D 59 22.05 -2.08 -17.62
N ILE D 60 21.94 -2.54 -18.87
CA ILE D 60 22.91 -3.50 -19.39
C ILE D 60 24.25 -2.80 -19.65
N ALA D 61 24.21 -1.66 -20.33
CA ALA D 61 25.42 -1.00 -20.80
C ALA D 61 26.30 -0.50 -19.67
N ILE D 62 25.73 -0.29 -18.49
CA ILE D 62 26.53 0.05 -17.32
C ILE D 62 27.42 -1.12 -16.94
N TYR D 63 26.85 -2.33 -16.90
CA TYR D 63 27.64 -3.49 -16.53
C TYR D 63 28.62 -3.89 -17.62
N TRP D 64 28.36 -3.55 -18.87
CA TRP D 64 29.38 -3.79 -19.88
C TRP D 64 30.53 -2.82 -19.77
N PHE D 65 30.24 -1.55 -19.48
CA PHE D 65 31.25 -0.51 -19.50
C PHE D 65 32.31 -0.71 -18.42
N VAL D 66 31.97 -1.40 -17.34
CA VAL D 66 32.94 -1.61 -16.27
C VAL D 66 33.59 -2.98 -16.39
N PHE D 67 32.91 -3.92 -17.05
CA PHE D 67 33.42 -5.28 -17.10
C PHE D 67 33.95 -5.66 -18.47
N GLY D 68 33.44 -5.05 -19.53
CA GLY D 68 34.10 -5.15 -20.81
C GLY D 68 35.41 -4.40 -20.83
N TYR D 69 35.53 -3.37 -20.00
CA TYR D 69 36.83 -2.71 -19.80
C TYR D 69 37.55 -3.29 -18.59
N GLY D 70 37.57 -4.62 -18.52
CA GLY D 70 38.63 -5.36 -17.87
C GLY D 70 38.92 -6.58 -18.72
N ILE D 71 38.00 -6.83 -19.66
CA ILE D 71 38.03 -7.97 -20.56
C ILE D 71 37.95 -7.38 -21.97
N ARG D 72 38.70 -6.31 -22.22
CA ARG D 72 38.80 -5.72 -23.56
C ARG D 72 39.25 -6.74 -24.61
N GLY D 73 40.37 -7.42 -24.38
CA GLY D 73 40.66 -8.65 -25.08
C GLY D 73 40.08 -9.81 -24.32
N ARG D 74 40.73 -10.98 -24.40
CA ARG D 74 40.59 -12.08 -23.44
C ARG D 74 39.13 -12.60 -23.39
N HIS D 75 38.43 -12.46 -24.51
CA HIS D 75 37.01 -12.78 -24.59
C HIS D 75 36.87 -14.30 -24.71
N PRO D 76 35.65 -14.87 -24.58
CA PRO D 76 35.49 -16.32 -24.81
C PRO D 76 35.87 -16.76 -26.21
N VAL D 77 36.44 -17.97 -26.28
CA VAL D 77 37.42 -18.35 -27.29
C VAL D 77 36.78 -18.57 -28.67
N GLY D 78 35.45 -18.49 -28.74
CA GLY D 78 34.81 -18.39 -30.04
C GLY D 78 35.15 -17.10 -30.74
N HIS D 79 34.84 -16.99 -32.02
CA HIS D 79 35.13 -15.77 -32.74
C HIS D 79 34.16 -14.64 -32.39
N ILE D 80 32.91 -14.96 -32.11
CA ILE D 80 31.89 -13.95 -31.76
C ILE D 80 31.88 -13.39 -30.34
N PRO D 81 32.07 -14.18 -29.19
CA PRO D 81 31.62 -13.68 -27.88
C PRO D 81 32.30 -12.41 -27.35
N PHE D 82 31.43 -11.49 -26.94
CA PHE D 82 31.72 -10.10 -26.65
C PHE D 82 30.61 -9.68 -25.68
N ILE D 83 30.14 -8.44 -25.79
CA ILE D 83 28.77 -8.09 -25.41
C ILE D 83 27.77 -9.15 -25.85
N LEU D 84 27.93 -9.69 -27.06
CA LEU D 84 27.17 -10.83 -27.58
C LEU D 84 27.10 -11.99 -26.59
N TRP D 85 28.19 -12.30 -25.91
CA TRP D 85 28.17 -13.30 -24.85
C TRP D 85 27.36 -12.83 -23.67
N MET D 86 27.35 -11.52 -23.41
CA MET D 86 26.85 -10.98 -22.17
C MET D 86 25.33 -10.82 -22.18
N LEU D 87 24.81 -10.03 -23.12
CA LEU D 87 23.38 -9.76 -23.15
C LEU D 87 22.55 -10.98 -23.52
N ALA D 88 23.16 -11.99 -24.14
CA ALA D 88 22.45 -13.24 -24.32
C ALA D 88 22.22 -13.95 -22.99
N GLY D 89 23.07 -13.68 -22.00
CA GLY D 89 22.88 -14.24 -20.68
C GLY D 89 22.04 -13.35 -19.78
N MET D 90 22.17 -12.03 -19.93
CA MET D 90 21.51 -11.09 -19.04
C MET D 90 20.01 -11.02 -19.22
N THR D 91 19.45 -11.72 -20.20
CA THR D 91 18.00 -11.84 -20.30
C THR D 91 17.42 -12.58 -19.10
N VAL D 92 18.17 -13.54 -18.57
CA VAL D 92 17.64 -14.40 -17.52
C VAL D 92 17.58 -13.66 -16.19
N TRP D 93 18.57 -12.84 -15.90
CA TRP D 93 18.66 -12.25 -14.58
C TRP D 93 17.59 -11.18 -14.36
N PHE D 94 17.12 -10.56 -15.44
CA PHE D 94 16.06 -9.57 -15.31
C PHE D 94 14.74 -10.20 -14.92
N PHE D 95 14.57 -11.48 -15.19
CA PHE D 95 13.44 -12.28 -14.75
C PHE D 95 13.73 -12.98 -13.42
N VAL D 96 14.76 -12.53 -12.71
CA VAL D 96 15.08 -13.07 -11.39
C VAL D 96 15.08 -11.98 -10.34
N ASN D 97 15.73 -10.84 -10.62
CA ASN D 97 15.90 -9.80 -9.61
C ASN D 97 14.59 -9.15 -9.21
N GLN D 98 13.67 -8.99 -10.15
CA GLN D 98 12.38 -8.39 -9.86
C GLN D 98 11.26 -9.38 -10.12
N ALA D 99 11.57 -10.66 -10.01
CA ALA D 99 10.54 -11.68 -10.07
C ALA D 99 10.64 -12.69 -8.93
N VAL D 100 11.76 -12.74 -8.21
CA VAL D 100 11.80 -13.53 -7.00
C VAL D 100 11.37 -12.68 -5.80
N LEU D 101 11.72 -11.39 -5.81
CA LEU D 101 11.39 -10.52 -4.69
C LEU D 101 9.90 -10.24 -4.62
N GLN D 102 9.30 -9.79 -5.72
CA GLN D 102 7.88 -9.46 -5.67
C GLN D 102 7.00 -10.70 -5.62
N ALA D 103 7.53 -11.86 -5.98
CA ALA D 103 6.77 -13.08 -5.75
C ALA D 103 6.73 -13.42 -4.27
N SER D 104 7.78 -13.08 -3.54
CA SER D 104 7.84 -13.42 -2.12
C SER D 104 6.88 -12.54 -1.31
N LYS D 105 6.87 -11.24 -1.58
CA LYS D 105 6.00 -10.32 -0.87
C LYS D 105 4.59 -10.27 -1.45
N SER D 106 4.23 -11.23 -2.30
CA SER D 106 2.89 -11.23 -2.88
C SER D 106 1.83 -11.71 -1.90
N VAL D 107 2.24 -12.35 -0.81
CA VAL D 107 1.30 -12.88 0.16
C VAL D 107 1.36 -12.11 1.49
N TYR D 108 2.37 -11.26 1.69
CA TYR D 108 2.32 -10.26 2.76
C TYR D 108 1.13 -9.35 2.56
N THR D 109 1.10 -8.67 1.43
CA THR D 109 -0.05 -7.90 1.04
C THR D 109 -1.18 -8.82 0.61
N ARG D 110 -2.34 -8.20 0.39
CA ARG D 110 -3.52 -8.71 -0.32
C ARG D 110 -4.15 -9.98 0.22
N ILE D 111 -3.72 -10.52 1.37
CA ILE D 111 -4.45 -11.67 1.89
C ILE D 111 -5.78 -11.25 2.50
N ARG D 112 -5.83 -10.01 3.01
CA ARG D 112 -7.11 -9.51 3.54
C ARG D 112 -8.10 -9.45 2.37
N MET D 113 -7.64 -9.12 1.17
CA MET D 113 -8.49 -9.01 0.00
C MET D 113 -8.54 -10.30 -0.80
N VAL D 114 -8.01 -11.40 -0.26
CA VAL D 114 -8.08 -12.71 -0.90
C VAL D 114 -8.80 -13.72 -0.02
N ALA D 115 -8.51 -13.72 1.29
CA ALA D 115 -9.12 -14.69 2.19
C ALA D 115 -10.62 -14.48 2.32
N GLN D 116 -11.12 -13.29 2.01
CA GLN D 116 -12.55 -13.05 1.94
C GLN D 116 -13.18 -13.53 0.63
N MET D 117 -12.47 -14.33 -0.16
CA MET D 117 -13.01 -14.99 -1.33
C MET D 117 -12.85 -16.50 -1.16
N ASN D 118 -13.18 -17.24 -2.22
CA ASN D 118 -13.07 -18.70 -2.21
C ASN D 118 -12.43 -19.18 -3.52
N PHE D 119 -11.11 -19.25 -3.50
CA PHE D 119 -10.31 -19.84 -4.57
C PHE D 119 -8.98 -20.20 -3.95
N PRO D 120 -8.28 -21.21 -4.46
CA PRO D 120 -7.08 -21.70 -3.76
C PRO D 120 -5.94 -20.69 -3.77
N ILE D 121 -5.33 -20.52 -2.60
CA ILE D 121 -4.30 -19.50 -2.39
C ILE D 121 -2.96 -19.94 -2.93
N SER D 122 -2.82 -21.20 -3.36
CA SER D 122 -1.58 -21.67 -3.94
C SER D 122 -1.29 -21.01 -5.28
N VAL D 123 -2.32 -20.54 -5.98
CA VAL D 123 -2.14 -19.93 -7.27
C VAL D 123 -1.67 -18.48 -7.12
N ILE D 124 -1.80 -17.93 -5.91
CA ILE D 124 -1.61 -16.49 -5.68
C ILE D 124 -0.16 -16.02 -5.87
N PRO D 125 0.94 -16.84 -5.73
CA PRO D 125 2.22 -16.31 -6.19
C PRO D 125 2.55 -16.73 -7.60
N THR D 126 1.72 -17.60 -8.18
CA THR D 126 2.13 -18.19 -9.44
C THR D 126 1.76 -17.33 -10.64
N TYR D 127 0.74 -16.49 -10.53
CA TYR D 127 0.40 -15.66 -11.68
C TYR D 127 1.24 -14.41 -11.75
N VAL D 128 1.67 -13.88 -10.60
CA VAL D 128 2.50 -12.69 -10.58
C VAL D 128 3.89 -12.98 -11.14
N ILE D 129 4.32 -14.25 -11.12
CA ILE D 129 5.51 -14.64 -11.86
C ILE D 129 5.24 -14.60 -13.34
N THR D 130 4.12 -15.17 -13.77
CA THR D 130 3.77 -15.14 -15.18
C THR D 130 3.41 -13.74 -15.65
N ALA D 131 2.99 -12.87 -14.74
CA ALA D 131 2.86 -11.47 -15.08
C ALA D 131 4.20 -10.84 -15.40
N LYS D 132 5.27 -11.35 -14.78
CA LYS D 132 6.61 -10.95 -15.16
C LYS D 132 7.16 -11.84 -16.26
N PHE D 133 6.42 -12.85 -16.71
CA PHE D 133 6.94 -13.62 -17.83
C PHE D 133 6.82 -12.86 -19.14
N TYR D 134 5.81 -11.99 -19.26
CA TYR D 134 5.69 -11.19 -20.46
C TYR D 134 6.74 -10.09 -20.55
N GLN D 135 7.57 -9.93 -19.52
CA GLN D 135 8.76 -9.12 -19.64
C GLN D 135 9.73 -9.69 -20.64
N HIS D 136 9.86 -11.03 -20.67
CA HIS D 136 10.66 -11.68 -21.70
C HIS D 136 10.14 -11.38 -23.09
N LEU D 137 8.86 -11.59 -23.31
CA LEU D 137 8.29 -11.52 -24.65
C LEU D 137 8.20 -10.09 -25.20
N MET D 138 8.71 -9.10 -24.47
CA MET D 138 9.13 -7.83 -25.03
C MET D 138 10.65 -7.64 -25.01
N LEU D 139 11.35 -8.16 -24.00
CA LEU D 139 12.79 -8.00 -23.95
C LEU D 139 13.51 -9.07 -24.78
N LEU D 140 13.17 -10.34 -24.57
CA LEU D 140 13.73 -11.39 -25.41
C LEU D 140 13.21 -11.33 -26.82
N ALA D 141 12.05 -10.70 -27.03
CA ALA D 141 11.62 -10.37 -28.38
C ALA D 141 12.61 -9.42 -29.03
N VAL D 142 12.95 -8.32 -28.36
CA VAL D 142 13.96 -7.44 -28.93
C VAL D 142 15.31 -7.92 -28.42
N ILE D 143 15.77 -9.04 -28.96
CA ILE D 143 17.17 -9.39 -28.94
C ILE D 143 17.45 -10.00 -30.30
N PHE D 144 16.38 -10.38 -31.00
CA PHE D 144 16.53 -10.92 -32.34
C PHE D 144 16.87 -9.80 -33.30
N ILE D 145 16.29 -8.63 -33.07
CA ILE D 145 16.59 -7.43 -33.86
C ILE D 145 18.07 -7.07 -33.70
N ILE D 146 18.62 -7.29 -32.51
CA ILE D 146 20.06 -7.23 -32.36
C ILE D 146 20.73 -8.40 -33.06
N PHE D 147 20.20 -9.60 -32.88
CA PHE D 147 20.85 -10.79 -33.41
C PHE D 147 20.57 -11.04 -34.88
N GLN D 148 19.91 -10.14 -35.59
CA GLN D 148 19.93 -10.18 -37.04
C GLN D 148 21.07 -9.38 -37.63
N PHE D 149 22.00 -8.92 -36.79
CA PHE D 149 23.21 -8.25 -37.25
C PHE D 149 24.46 -9.05 -36.92
N THR D 150 24.31 -10.32 -36.57
CA THR D 150 25.41 -11.23 -36.30
C THR D 150 25.99 -11.71 -37.63
N PRO D 151 27.11 -12.47 -37.64
CA PRO D 151 27.50 -13.13 -38.89
C PRO D 151 26.49 -14.15 -39.40
N TYR D 152 25.94 -14.98 -38.53
CA TYR D 152 24.73 -15.69 -38.89
C TYR D 152 23.56 -14.70 -38.94
N HIS D 153 22.56 -15.03 -39.74
CA HIS D 153 21.42 -14.11 -39.79
C HIS D 153 20.47 -14.36 -38.62
N VAL D 154 19.94 -15.58 -38.50
CA VAL D 154 19.17 -15.95 -37.30
C VAL D 154 19.62 -17.28 -36.70
N SER D 155 20.34 -18.11 -37.45
CA SER D 155 20.59 -19.52 -37.14
C SER D 155 19.27 -20.26 -36.85
N VAL D 156 18.43 -20.33 -37.90
CA VAL D 156 17.14 -21.00 -37.81
C VAL D 156 17.29 -22.50 -37.58
N TYR D 157 18.46 -23.06 -37.93
CA TYR D 157 18.70 -24.47 -37.69
C TYR D 157 18.86 -24.80 -36.23
N LEU D 158 19.17 -23.80 -35.38
CA LEU D 158 19.09 -24.00 -33.94
C LEU D 158 18.81 -22.65 -33.28
N VAL D 159 17.55 -22.41 -32.92
CA VAL D 159 17.17 -21.45 -31.90
C VAL D 159 16.19 -22.15 -30.98
N GLN D 160 16.25 -23.47 -30.95
CA GLN D 160 15.23 -24.28 -30.28
C GLN D 160 15.44 -24.17 -28.77
N LEU D 161 14.79 -23.17 -28.17
CA LEU D 161 14.74 -23.07 -26.72
C LEU D 161 13.37 -23.00 -26.03
N PRO D 162 12.32 -23.76 -26.39
CA PRO D 162 11.12 -23.69 -25.55
C PRO D 162 11.31 -24.48 -24.29
N TYR D 163 12.09 -25.55 -24.42
CA TYR D 163 12.41 -26.40 -23.28
C TYR D 163 13.26 -25.65 -22.27
N TYR D 164 14.25 -24.90 -22.73
CA TYR D 164 15.06 -24.13 -21.81
C TYR D 164 14.34 -22.90 -21.31
N MET D 165 13.32 -22.44 -22.04
CA MET D 165 12.46 -21.40 -21.50
C MET D 165 11.55 -21.95 -20.42
N PHE D 166 11.10 -23.19 -20.59
CA PHE D 166 10.19 -23.80 -19.63
C PHE D 166 10.88 -24.11 -18.31
N GLY D 167 12.21 -24.19 -18.29
CA GLY D 167 12.92 -24.35 -17.03
C GLY D 167 12.76 -23.14 -16.11
N LEU D 168 12.82 -21.93 -16.67
CA LEU D 168 12.66 -20.72 -15.87
C LEU D 168 11.27 -20.61 -15.27
N LEU D 169 10.25 -21.07 -16.00
CA LEU D 169 8.93 -21.16 -15.42
C LEU D 169 8.90 -22.19 -14.31
N ALA D 170 9.40 -23.39 -14.59
CA ALA D 170 9.30 -24.50 -13.66
C ALA D 170 10.13 -24.27 -12.41
N LEU D 171 11.26 -23.59 -12.53
CA LEU D 171 12.07 -23.32 -11.35
C LEU D 171 11.40 -22.28 -10.47
N LEU D 172 10.93 -21.18 -11.07
CA LEU D 172 10.44 -20.07 -10.27
C LEU D 172 9.03 -20.30 -9.76
N VAL D 173 8.20 -21.05 -10.49
CA VAL D 173 6.87 -21.36 -9.98
C VAL D 173 6.96 -22.38 -8.84
N SER D 174 8.08 -23.09 -8.75
CA SER D 174 8.30 -23.99 -7.63
C SER D 174 8.99 -23.32 -6.47
N PHE D 175 10.01 -22.52 -6.75
CA PHE D 175 10.77 -21.87 -5.68
C PHE D 175 9.97 -20.80 -4.97
N SER D 176 8.94 -20.26 -5.60
CA SER D 176 8.10 -19.26 -4.94
C SER D 176 6.91 -19.92 -4.23
N LEU D 177 7.20 -20.96 -3.50
CA LEU D 177 6.35 -21.54 -2.48
C LEU D 177 7.10 -21.67 -1.17
N ILE D 178 8.39 -21.99 -1.24
CA ILE D 178 9.22 -21.98 -0.05
C ILE D 178 9.48 -20.54 0.39
N THR D 179 9.43 -19.60 -0.54
CA THR D 179 9.66 -18.21 -0.24
C THR D 179 8.39 -17.38 -0.26
N SER D 180 7.23 -18.00 -0.33
CA SER D 180 5.98 -17.29 -0.22
C SER D 180 5.16 -17.74 0.96
N THR D 181 5.00 -19.06 1.12
CA THR D 181 4.29 -19.58 2.28
C THR D 181 5.10 -19.35 3.55
N LEU D 182 6.37 -19.73 3.52
CA LEU D 182 7.24 -19.52 4.66
C LEU D 182 7.64 -18.06 4.82
N ALA D 183 7.34 -17.21 3.84
CA ALA D 183 7.54 -15.79 4.01
C ALA D 183 6.60 -15.21 5.06
N THR D 184 5.32 -15.57 5.00
CA THR D 184 4.33 -14.89 5.82
C THR D 184 4.43 -15.28 7.28
N VAL D 185 4.92 -16.49 7.58
CA VAL D 185 4.96 -16.92 8.96
C VAL D 185 6.08 -16.29 9.75
N VAL D 186 7.14 -15.81 9.09
CA VAL D 186 8.28 -15.29 9.84
C VAL D 186 8.56 -13.84 9.48
N ARG D 187 8.38 -13.51 8.20
CA ARG D 187 8.61 -12.13 7.69
C ARG D 187 10.10 -11.78 7.78
N ASP D 188 10.97 -12.79 7.74
CA ASP D 188 12.40 -12.54 7.82
C ASP D 188 13.16 -13.09 6.64
N VAL D 189 12.63 -14.10 5.97
CA VAL D 189 13.25 -14.58 4.75
C VAL D 189 13.06 -13.60 3.62
N GLN D 190 12.11 -12.66 3.76
CA GLN D 190 12.04 -11.52 2.87
C GLN D 190 13.32 -10.70 2.92
N MET D 191 13.88 -10.52 4.10
CA MET D 191 15.18 -9.86 4.19
C MET D 191 16.29 -10.77 3.70
N ILE D 192 16.11 -12.09 3.81
CA ILE D 192 17.14 -13.02 3.37
C ILE D 192 17.22 -13.05 1.85
N VAL D 193 16.09 -13.27 1.18
CA VAL D 193 16.10 -13.32 -0.27
C VAL D 193 16.32 -11.96 -0.90
N GLN D 194 16.21 -10.87 -0.13
CA GLN D 194 16.59 -9.57 -0.64
C GLN D 194 18.11 -9.47 -0.79
N SER D 195 18.86 -10.29 -0.07
CA SER D 195 20.29 -10.44 -0.29
C SER D 195 20.66 -11.69 -1.06
N LEU D 196 19.85 -12.75 -0.95
CA LEU D 196 20.15 -13.97 -1.68
C LEU D 196 19.91 -13.82 -3.17
N VAL D 197 19.05 -12.88 -3.58
CA VAL D 197 18.96 -12.57 -5.00
C VAL D 197 20.15 -11.72 -5.44
N ARG D 198 20.81 -11.10 -4.47
CA ARG D 198 22.00 -10.26 -4.77
C ARG D 198 23.19 -11.17 -5.02
N ILE D 199 23.37 -12.19 -4.18
CA ILE D 199 24.52 -13.06 -4.30
C ILE D 199 24.43 -13.92 -5.57
N LEU D 200 23.24 -14.08 -6.14
CA LEU D 200 23.08 -14.78 -7.41
C LEU D 200 23.20 -13.83 -8.59
N LEU D 201 24.23 -12.99 -8.57
CA LEU D 201 24.79 -12.41 -9.76
C LEU D 201 26.21 -12.85 -9.96
N TYR D 202 26.86 -13.25 -8.88
CA TYR D 202 28.28 -13.53 -8.83
C TYR D 202 28.55 -14.97 -8.47
N LEU D 203 27.65 -15.62 -7.74
CA LEU D 203 27.76 -17.05 -7.53
C LEU D 203 27.51 -17.79 -8.84
N THR D 204 26.70 -17.25 -9.67
CA THR D 204 26.61 -17.75 -11.03
C THR D 204 27.29 -16.79 -11.99
N PRO D 205 27.94 -17.32 -13.03
CA PRO D 205 28.69 -16.45 -13.94
C PRO D 205 27.87 -15.85 -15.08
N LEU D 206 27.15 -14.79 -14.75
CA LEU D 206 26.57 -13.95 -15.79
C LEU D 206 27.61 -13.07 -16.46
N LEU D 207 28.79 -12.92 -15.86
CA LEU D 207 29.72 -11.89 -16.29
C LEU D 207 31.01 -12.46 -16.84
N TRP D 208 31.72 -13.30 -16.10
CA TRP D 208 33.04 -13.71 -16.54
C TRP D 208 33.02 -15.11 -17.14
N ASP D 209 34.21 -15.61 -17.46
CA ASP D 209 34.40 -16.99 -17.88
C ASP D 209 34.86 -17.79 -16.67
N PRO D 210 34.12 -18.82 -16.25
CA PRO D 210 34.55 -19.62 -15.10
C PRO D 210 35.68 -20.59 -15.37
N SER D 211 36.31 -20.56 -16.54
CA SER D 211 37.46 -21.43 -16.81
C SER D 211 38.77 -20.76 -16.37
N HIS D 212 38.79 -20.28 -15.12
CA HIS D 212 39.98 -19.77 -14.47
C HIS D 212 40.31 -20.60 -13.24
N LEU D 213 40.01 -21.89 -13.30
CA LEU D 213 39.87 -22.67 -12.08
C LEU D 213 39.90 -24.16 -12.44
N PRO D 214 40.45 -25.02 -11.61
CA PRO D 214 40.46 -26.45 -11.92
C PRO D 214 39.09 -27.08 -11.72
N HIS D 215 38.98 -28.34 -12.12
CA HIS D 215 37.73 -29.09 -12.20
C HIS D 215 37.12 -29.41 -10.85
N LEU D 216 37.56 -28.91 -9.70
CA LEU D 216 36.82 -29.15 -8.47
C LEU D 216 35.89 -27.97 -8.17
N VAL D 217 36.46 -26.78 -8.00
CA VAL D 217 35.66 -25.63 -7.62
C VAL D 217 34.87 -25.12 -8.82
N GLN D 218 35.36 -25.38 -10.03
CA GLN D 218 34.59 -25.04 -11.22
C GLN D 218 33.37 -25.94 -11.36
N VAL D 219 33.55 -27.24 -11.17
CA VAL D 219 32.42 -28.16 -11.23
C VAL D 219 31.51 -27.97 -10.03
N ILE D 220 32.08 -27.70 -8.85
CA ILE D 220 31.20 -27.33 -7.75
C ILE D 220 31.04 -25.82 -7.81
N MET D 221 30.33 -25.37 -8.82
CA MET D 221 29.69 -24.07 -8.90
C MET D 221 28.34 -24.17 -9.58
N ARG D 222 28.13 -25.18 -10.41
CA ARG D 222 26.90 -25.42 -11.14
C ARG D 222 25.90 -26.23 -10.32
N LEU D 223 26.13 -26.36 -9.02
CA LEU D 223 25.10 -26.90 -8.14
C LEU D 223 23.90 -25.97 -8.08
N ASN D 224 24.15 -24.67 -8.20
CA ASN D 224 23.14 -23.69 -8.57
C ASN D 224 22.48 -24.12 -9.87
N PRO D 225 21.17 -24.38 -9.88
CA PRO D 225 20.52 -24.76 -11.14
C PRO D 225 20.37 -23.62 -12.11
N LEU D 226 20.53 -22.38 -11.65
CA LEU D 226 20.31 -21.22 -12.49
C LEU D 226 21.37 -21.11 -13.58
N TYR D 227 22.58 -21.60 -13.32
CA TYR D 227 23.64 -21.61 -14.31
C TYR D 227 23.36 -22.54 -15.48
N TYR D 228 22.50 -23.54 -15.29
CA TYR D 228 22.14 -24.41 -16.40
C TYR D 228 21.33 -23.68 -17.45
N ILE D 229 20.41 -22.82 -17.04
CA ILE D 229 19.55 -22.15 -18.02
C ILE D 229 20.34 -21.08 -18.76
N VAL D 230 21.33 -20.47 -18.08
CA VAL D 230 22.21 -19.52 -18.74
C VAL D 230 23.03 -20.20 -19.83
N GLU D 231 23.40 -21.46 -19.61
CA GLU D 231 23.98 -22.26 -20.68
C GLU D 231 22.98 -22.56 -21.79
N GLY D 232 21.69 -22.50 -21.51
CA GLY D 232 20.70 -22.66 -22.56
C GLY D 232 20.65 -21.46 -23.46
N TYR D 233 20.45 -20.28 -22.88
CA TYR D 233 20.30 -19.07 -23.67
C TYR D 233 21.60 -18.62 -24.32
N ARG D 234 22.75 -18.98 -23.75
CA ARG D 234 23.99 -18.76 -24.47
C ARG D 234 24.17 -19.75 -25.59
N SER D 235 23.50 -20.89 -25.55
CA SER D 235 23.47 -21.82 -26.67
C SER D 235 22.38 -21.50 -27.66
N ALA D 236 21.78 -20.30 -27.59
CA ALA D 236 20.91 -19.79 -28.64
C ALA D 236 21.69 -19.22 -29.80
N LEU D 237 23.02 -19.34 -29.78
CA LEU D 237 23.85 -18.86 -30.86
C LEU D 237 25.00 -19.82 -31.18
N LEU D 238 25.02 -21.01 -30.58
CA LEU D 238 26.15 -21.91 -30.73
C LEU D 238 25.95 -22.85 -31.91
N GLY D 239 24.89 -23.65 -31.87
CA GLY D 239 24.69 -24.70 -32.84
C GLY D 239 24.67 -26.09 -32.25
N THR D 240 24.76 -26.24 -30.93
CA THR D 240 24.71 -27.53 -30.26
C THR D 240 23.27 -28.06 -30.22
N SER D 241 22.84 -28.63 -31.36
CA SER D 241 21.46 -29.06 -31.54
C SER D 241 21.10 -30.29 -30.72
N TRP D 242 22.05 -30.91 -30.03
CA TRP D 242 21.77 -31.98 -29.08
C TRP D 242 22.37 -31.65 -27.72
N TYR D 243 22.10 -30.43 -27.24
CA TYR D 243 22.59 -30.03 -25.92
C TYR D 243 21.76 -30.67 -24.80
N LEU D 244 21.80 -32.00 -24.73
CA LEU D 244 21.51 -32.70 -23.50
C LEU D 244 22.70 -33.62 -23.20
N VAL D 245 23.16 -34.36 -24.21
CA VAL D 245 24.01 -35.53 -23.98
C VAL D 245 25.43 -35.12 -23.62
N ASP D 246 25.85 -33.91 -23.99
CA ASP D 246 27.17 -33.46 -23.55
C ASP D 246 27.19 -33.06 -22.08
N HIS D 247 26.03 -32.83 -21.48
CA HIS D 247 25.95 -32.50 -20.07
C HIS D 247 24.78 -33.23 -19.42
N ALA D 248 24.56 -34.48 -19.82
CA ALA D 248 23.45 -35.27 -19.30
C ALA D 248 23.67 -35.75 -17.89
N SER D 249 24.90 -35.65 -17.38
CA SER D 249 25.16 -36.06 -16.01
C SER D 249 24.53 -35.10 -15.00
N TYR D 250 24.24 -33.87 -15.40
CA TYR D 250 23.57 -32.97 -14.45
C TYR D 250 22.41 -32.20 -15.06
N THR D 251 21.96 -32.53 -16.27
CA THR D 251 20.65 -32.01 -16.66
C THR D 251 19.54 -32.79 -15.99
N VAL D 252 19.83 -33.99 -15.49
CA VAL D 252 18.90 -34.67 -14.62
C VAL D 252 19.04 -34.17 -13.20
N TYR D 253 20.16 -33.53 -12.87
CA TYR D 253 20.24 -32.81 -11.60
C TYR D 253 19.33 -31.61 -11.59
N PHE D 254 19.13 -31.00 -12.75
CA PHE D 254 18.19 -29.87 -12.83
C PHE D 254 16.76 -30.33 -12.63
N TRP D 255 16.39 -31.44 -13.23
CA TRP D 255 15.00 -31.88 -13.10
C TRP D 255 14.73 -32.65 -11.83
N VAL D 256 15.72 -32.82 -10.96
CA VAL D 256 15.47 -33.37 -9.65
C VAL D 256 15.50 -32.31 -8.55
N VAL D 257 16.17 -31.18 -8.78
CA VAL D 257 16.09 -30.11 -7.80
C VAL D 257 14.80 -29.32 -7.95
N VAL D 258 14.16 -29.38 -9.12
CA VAL D 258 12.89 -28.71 -9.24
C VAL D 258 11.78 -29.57 -8.64
N ILE D 259 11.90 -30.90 -8.72
CA ILE D 259 10.89 -31.75 -8.11
C ILE D 259 11.11 -31.85 -6.61
N LEU D 260 12.33 -31.56 -6.14
CA LEU D 260 12.54 -31.52 -4.70
C LEU D 260 11.97 -30.24 -4.11
N PHE D 261 12.15 -29.12 -4.82
CA PHE D 261 11.56 -27.86 -4.37
C PHE D 261 10.05 -27.89 -4.45
N PHE D 262 9.50 -28.60 -5.43
CA PHE D 262 8.05 -28.59 -5.60
C PHE D 262 7.36 -29.46 -4.56
N VAL D 263 8.00 -30.56 -4.16
CA VAL D 263 7.42 -31.41 -3.13
C VAL D 263 7.59 -30.77 -1.77
N PHE D 264 8.77 -30.25 -1.48
CA PHE D 264 8.99 -29.58 -0.20
C PHE D 264 8.23 -28.27 -0.12
N GLY D 265 8.02 -27.60 -1.25
CA GLY D 265 7.19 -26.41 -1.25
C GLY D 265 5.73 -26.71 -1.01
N SER D 266 5.26 -27.86 -1.48
CA SER D 266 3.89 -28.25 -1.20
C SER D 266 3.70 -28.65 0.25
N MET D 267 4.70 -29.32 0.83
CA MET D 267 4.60 -29.81 2.19
C MET D 267 4.57 -28.64 3.18
N VAL D 268 5.38 -27.61 2.93
CA VAL D 268 5.35 -26.44 3.80
C VAL D 268 4.10 -25.60 3.56
N HIS D 269 3.44 -25.76 2.41
CA HIS D 269 2.23 -25.00 2.16
C HIS D 269 1.06 -25.56 2.96
N LEU D 270 0.77 -26.85 2.78
CA LEU D 270 -0.42 -27.44 3.36
C LEU D 270 -0.35 -27.59 4.87
N LYS D 271 0.85 -27.60 5.44
CA LYS D 271 0.96 -27.59 6.89
C LYS D 271 0.75 -26.20 7.49
N PHE D 272 0.53 -25.19 6.67
CA PHE D 272 0.27 -23.84 7.16
C PHE D 272 -0.84 -23.13 6.41
N ARG D 273 -1.54 -23.81 5.50
CA ARG D 273 -2.41 -23.16 4.52
C ARG D 273 -3.57 -22.42 5.18
N ALA D 274 -4.13 -22.98 6.24
CA ALA D 274 -5.26 -22.38 6.93
C ALA D 274 -4.84 -21.65 8.20
N HIS D 275 -3.67 -21.05 8.20
CA HIS D 275 -3.24 -20.40 9.44
C HIS D 275 -2.71 -18.99 9.23
N PHE D 276 -2.21 -18.65 8.04
CA PHE D 276 -1.66 -17.31 7.86
C PHE D 276 -2.81 -16.33 7.63
N VAL D 277 -3.48 -16.00 8.73
CA VAL D 277 -4.42 -14.88 8.75
C VAL D 277 -4.10 -13.87 9.82
N ASP D 278 -3.32 -14.23 10.83
CA ASP D 278 -2.79 -13.31 11.83
C ASP D 278 -1.36 -12.90 11.52
N TYR D 279 -1.05 -12.74 10.24
CA TYR D 279 0.27 -12.32 9.83
C TYR D 279 0.16 -11.27 8.74
#